data_5F09
#
_entry.id   5F09
#
_cell.length_a   100.901
_cell.length_b   130.923
_cell.length_c   159.136
_cell.angle_alpha   90.000
_cell.angle_beta   90.000
_cell.angle_gamma   90.000
#
_symmetry.space_group_name_H-M   'I 2 2 2'
#
loop_
_entity.id
_entity.type
_entity.pdbx_description
1 polymer 'Glutamate carboxypeptidase 2'
2 branched 2-acetamido-2-deoxy-beta-D-glucopyranose-(1-4)-2-acetamido-2-deoxy-beta-D-glucopyranose
3 branched beta-D-mannopyranose-(1-4)-2-acetamido-2-deoxy-beta-D-glucopyranose-(1-4)-2-acetamido-2-deoxy-beta-D-glucopyranose
4 branched alpha-D-mannopyranose-(1-3)-beta-D-mannopyranose-(1-4)-2-acetamido-2-deoxy-beta-D-glucopyranose-(1-4)-2-acetamido-2-deoxy-beta-D-glucopyranose
5 non-polymer 2-acetamido-2-deoxy-beta-D-glucopyranose
6 non-polymer 'ZINC ION'
7 non-polymer 'CHLORIDE ION'
8 non-polymer 'CALCIUM ION'
9 non-polymer 'beta-citryl-L-glutamic acid'
10 non-polymer 'TRIETHYLENE GLYCOL'
11 water water
#
_entity_poly.entity_id   1
_entity_poly.type   'polypeptide(L)'
_entity_poly.pdbx_seq_one_letter_code
;RSGLNDIFEAQKIEWHEGSGSGSENLYFQGRSKSSNEATNITPKHNMKAFLDELKAENIKKFLYNFTQIPHLAGTEQNFQ
LAKQIQSQWKEFGLDSVELAHYDVLLSYPNKTHPNYISIINEDGNEIFNTSLFEPPPPGYENVSDIVPPFSAFSPQGMPE
GDLVYVNYARTEDFFKLERDMKINCSGKIVIARYGKVFRGNKVKNAQLAGAKGVILYSDPADYFAPGVKSYPDGWNLPGG
GVQRGNILNLNGAGDPLTPGYPANEYAYRRGIAEAVGLPSIPVHPIGYYDAQKLLEKMGGSAPPDSSWRGSLKVPYNVGP
GFTGNFSTQKVKMHIHSTNEVTRIYNVIGTLRGAVEPDRYVILGGHRDSWVFGGIDPQSGAAVVHEIVRSFGTLKKEGWR
PRRTILFASWDAAEFGLLGSTEWAEENSRLLQERGVAYINADSSIEGNYTLRVDCTPLMYSLVHNLTKELKSPDEGFEGK
SLYESWTKKSPSPEFSGMPRISKLGSGNDFEVFFQRLGIASGRARYTKNWETNKFSGYPLYHSVYETYELVEKFYDPMFK
YHLTVAQVRGGMVFELANSIVLPFDCRDYAVVLRKYADKIYSISMKHPQEMKTYSVSFDSLFSAVKNFTEIASKFSERLQ
DFDKSNPIVLRMMNDQLMFLERAFIDPLGLPDRPFYRHVIYAPSSHNKYAGESFPGIYDALFDIESKVDPSKAWGEVKRQ
IYVAAFTVQAAAETLSEVA
;
_entity_poly.pdbx_strand_id   A
#
# COMPACT_ATOMS: atom_id res chain seq x y z
N LYS A 44 -19.03 -3.12 -33.15
CA LYS A 44 -19.31 -2.14 -32.05
C LYS A 44 -18.03 -1.84 -31.23
N HIS A 45 -17.92 -0.60 -30.76
CA HIS A 45 -16.90 -0.20 -29.79
C HIS A 45 -17.57 -0.19 -28.43
N ASN A 46 -17.36 -1.27 -27.71
CA ASN A 46 -17.98 -1.49 -26.43
C ASN A 46 -16.95 -2.13 -25.53
N MET A 47 -17.35 -2.49 -24.32
CA MET A 47 -16.38 -3.01 -23.39
C MET A 47 -15.80 -4.32 -23.94
N LYS A 48 -16.61 -5.15 -24.57
CA LYS A 48 -16.12 -6.42 -25.14
C LYS A 48 -14.98 -6.24 -26.17
N ALA A 49 -15.12 -5.27 -27.06
CA ALA A 49 -14.05 -4.92 -28.01
C ALA A 49 -12.78 -4.54 -27.28
N PHE A 50 -12.90 -3.68 -26.27
CA PHE A 50 -11.77 -3.34 -25.42
C PHE A 50 -11.10 -4.58 -24.79
N LEU A 51 -11.93 -5.39 -24.13
CA LEU A 51 -11.42 -6.59 -23.44
C LEU A 51 -10.73 -7.61 -24.39
N ASP A 52 -11.32 -7.84 -25.55
CA ASP A 52 -10.82 -8.83 -26.51
C ASP A 52 -9.49 -8.42 -27.14
N GLU A 53 -9.20 -7.13 -27.20
CA GLU A 53 -7.98 -6.67 -27.82
C GLU A 53 -6.77 -6.90 -26.87
N LEU A 54 -7.02 -6.98 -25.56
CA LEU A 54 -5.96 -7.30 -24.57
C LEU A 54 -5.36 -8.70 -24.84
N LYS A 55 -4.03 -8.83 -24.89
CA LYS A 55 -3.38 -10.12 -25.16
C LYS A 55 -2.35 -10.45 -24.11
N ALA A 56 -2.42 -11.69 -23.61
CA ALA A 56 -1.41 -12.24 -22.68
C ALA A 56 0.01 -12.08 -23.23
N GLU A 57 0.20 -12.38 -24.51
CA GLU A 57 1.52 -12.36 -25.12
C GLU A 57 2.13 -10.97 -25.14
N ASN A 58 1.30 -9.93 -25.31
CA ASN A 58 1.80 -8.57 -25.24
C ASN A 58 2.28 -8.20 -23.84
N ILE A 59 1.50 -8.61 -22.84
CA ILE A 59 1.87 -8.34 -21.47
C ILE A 59 3.22 -9.02 -21.16
N LYS A 60 3.39 -10.26 -21.62
CA LYS A 60 4.62 -11.01 -21.46
C LYS A 60 5.77 -10.26 -22.08
N LYS A 61 5.65 -9.89 -23.36
CA LYS A 61 6.64 -9.07 -24.06
C LYS A 61 7.03 -7.75 -23.32
N PHE A 62 6.04 -7.06 -22.78
CA PHE A 62 6.31 -5.81 -22.07
C PHE A 62 7.01 -6.06 -20.72
N LEU A 63 6.59 -7.13 -20.03
CA LEU A 63 7.25 -7.49 -18.81
C LEU A 63 8.72 -7.77 -19.01
N TYR A 64 9.03 -8.59 -20.00
CA TYR A 64 10.42 -8.89 -20.34
C TYR A 64 11.17 -7.56 -20.63
N ASN A 65 10.57 -6.71 -21.42
CA ASN A 65 11.18 -5.41 -21.79
C ASN A 65 11.51 -4.47 -20.62
N PHE A 66 10.67 -4.54 -19.59
CA PHE A 66 10.74 -3.68 -18.42
C PHE A 66 11.65 -4.19 -17.31
N THR A 67 12.19 -5.41 -17.41
CA THR A 67 12.85 -6.06 -16.31
C THR A 67 14.28 -6.55 -16.58
N GLN A 68 14.88 -6.10 -17.68
CA GLN A 68 16.25 -6.53 -18.01
C GLN A 68 17.31 -5.81 -17.24
N ILE A 69 17.02 -4.57 -16.84
CA ILE A 69 17.96 -3.80 -16.07
C ILE A 69 17.26 -3.16 -14.89
N PRO A 70 18.05 -2.72 -13.86
CA PRO A 70 17.39 -2.06 -12.71
C PRO A 70 16.79 -0.72 -13.08
N HIS A 71 15.66 -0.39 -12.47
CA HIS A 71 15.05 0.93 -12.69
C HIS A 71 14.78 1.66 -11.36
N LEU A 72 15.83 1.84 -10.59
CA LEU A 72 15.75 2.54 -9.32
C LEU A 72 15.37 4.01 -9.50
N ALA A 73 14.48 4.50 -8.64
CA ALA A 73 14.12 5.88 -8.69
C ALA A 73 15.32 6.81 -8.66
N GLY A 74 15.28 7.82 -9.52
CA GLY A 74 16.27 8.84 -9.58
C GLY A 74 17.47 8.46 -10.39
N THR A 75 17.53 7.26 -10.95
CA THR A 75 18.70 6.88 -11.73
C THR A 75 18.45 7.11 -13.23
N GLU A 76 19.53 7.17 -14.01
CA GLU A 76 19.38 7.41 -15.44
C GLU A 76 18.56 6.34 -16.16
N GLN A 77 18.74 5.08 -15.78
CA GLN A 77 17.97 4.01 -16.36
C GLN A 77 16.45 4.18 -16.18
N ASN A 78 16.03 4.71 -15.05
CA ASN A 78 14.58 4.89 -14.88
C ASN A 78 14.04 6.12 -15.65
N PHE A 79 14.86 7.16 -15.84
CA PHE A 79 14.55 8.28 -16.76
C PHE A 79 14.40 7.74 -18.19
N GLN A 80 15.34 6.92 -18.63
CA GLN A 80 15.27 6.34 -20.00
C GLN A 80 14.00 5.51 -20.18
N LEU A 81 13.64 4.71 -19.17
CA LEU A 81 12.41 3.93 -19.27
C LEU A 81 11.20 4.88 -19.32
N ALA A 82 11.18 5.93 -18.49
CA ALA A 82 10.09 6.92 -18.57
C ALA A 82 9.95 7.49 -19.99
N LYS A 83 11.05 7.84 -20.61
CA LYS A 83 11.04 8.35 -21.99
C LYS A 83 10.50 7.33 -22.99
N GLN A 84 10.85 6.05 -22.78
CA GLN A 84 10.36 4.98 -23.67
C GLN A 84 8.83 4.86 -23.54
N ILE A 85 8.36 4.85 -22.31
CA ILE A 85 6.92 4.69 -22.02
CA ILE A 85 6.94 4.68 -22.06
C ILE A 85 6.16 5.87 -22.65
N GLN A 86 6.69 7.07 -22.48
CA GLN A 86 6.08 8.24 -23.04
C GLN A 86 5.97 8.11 -24.56
N SER A 87 7.06 7.72 -25.19
CA SER A 87 7.09 7.54 -26.62
C SER A 87 6.08 6.48 -27.12
N GLN A 88 6.00 5.34 -26.41
CA GLN A 88 5.09 4.29 -26.78
C GLN A 88 3.63 4.65 -26.56
N TRP A 89 3.31 5.25 -25.42
CA TRP A 89 1.94 5.72 -25.21
C TRP A 89 1.47 6.69 -26.31
N LYS A 90 2.36 7.56 -26.81
CA LYS A 90 2.04 8.40 -27.97
C LYS A 90 1.75 7.57 -29.22
N GLU A 91 2.66 6.63 -29.51
CA GLU A 91 2.48 5.69 -30.63
C GLU A 91 1.17 4.93 -30.46
N PHE A 92 0.82 4.55 -29.22
CA PHE A 92 -0.40 3.78 -28.99
C PHE A 92 -1.68 4.60 -29.29
N GLY A 93 -1.56 5.92 -29.32
CA GLY A 93 -2.64 6.82 -29.74
C GLY A 93 -3.19 7.80 -28.73
N LEU A 94 -2.54 7.94 -27.58
CA LEU A 94 -3.03 8.89 -26.58
C LEU A 94 -2.93 10.31 -27.13
N ASP A 95 -3.83 11.17 -26.69
CA ASP A 95 -3.89 12.55 -27.20
C ASP A 95 -2.70 13.36 -26.74
N SER A 96 -2.26 13.19 -25.51
CA SER A 96 -1.03 13.84 -25.08
C SER A 96 -0.33 12.95 -24.05
N VAL A 97 1.00 13.02 -24.00
CA VAL A 97 1.74 12.26 -23.04
C VAL A 97 2.90 13.14 -22.63
N GLU A 98 2.97 13.47 -21.35
CA GLU A 98 3.98 14.39 -20.83
C GLU A 98 4.75 13.76 -19.67
N LEU A 99 5.98 14.21 -19.45
CA LEU A 99 6.67 13.89 -18.21
C LEU A 99 6.40 15.00 -17.18
N ALA A 100 6.02 14.64 -15.98
CA ALA A 100 5.91 15.60 -14.88
C ALA A 100 7.01 15.23 -13.91
N HIS A 101 7.93 16.14 -13.73
CA HIS A 101 9.12 15.90 -12.89
C HIS A 101 9.06 16.75 -11.61
N TYR A 102 9.75 16.27 -10.58
CA TYR A 102 9.81 16.85 -9.23
C TYR A 102 11.22 16.54 -8.70
N ASP A 103 11.68 17.36 -7.78
CA ASP A 103 13.00 17.18 -7.12
C ASP A 103 12.71 16.86 -5.66
N VAL A 104 12.86 15.59 -5.33
CA VAL A 104 12.44 15.04 -4.05
C VAL A 104 13.61 14.42 -3.30
N LEU A 105 13.46 14.27 -1.98
CA LEU A 105 14.49 13.61 -1.17
C LEU A 105 14.46 12.09 -1.42
N LEU A 106 15.56 11.55 -1.93
CA LEU A 106 15.79 10.11 -2.06
C LEU A 106 16.99 9.73 -1.19
N SER A 107 17.34 8.45 -1.19
CA SER A 107 18.35 7.87 -0.32
C SER A 107 19.06 6.73 -1.02
N TYR A 108 20.39 6.72 -0.90
CA TYR A 108 21.23 5.76 -1.62
C TYR A 108 22.40 5.35 -0.76
N PRO A 109 22.82 4.08 -0.86
CA PRO A 109 24.07 3.72 -0.20
C PRO A 109 25.23 4.45 -0.81
N ASN A 110 26.34 4.52 -0.09
CA ASN A 110 27.56 5.10 -0.59
C ASN A 110 28.32 3.98 -1.33
N LYS A 111 28.59 4.22 -2.61
CA LYS A 111 29.17 3.22 -3.53
C LYS A 111 30.59 2.76 -3.10
N THR A 112 31.36 3.64 -2.46
CA THR A 112 32.71 3.32 -2.05
C THR A 112 32.86 3.12 -0.54
N HIS A 113 31.77 3.05 0.21
CA HIS A 113 31.83 2.86 1.65
C HIS A 113 30.61 2.02 2.08
N PRO A 114 30.64 0.73 1.75
CA PRO A 114 29.41 -0.10 1.86
C PRO A 114 28.85 -0.22 3.27
N ASN A 115 27.53 -0.36 3.38
CA ASN A 115 26.88 -0.61 4.67
C ASN A 115 27.04 -2.10 5.06
N TYR A 116 27.23 -2.37 6.35
CA TYR A 116 27.33 -3.76 6.85
C TYR A 116 27.21 -3.78 8.37
N ILE A 117 26.99 -4.98 8.91
CA ILE A 117 26.88 -5.18 10.35
C ILE A 117 27.95 -6.20 10.77
N SER A 118 28.53 -5.97 11.96
CA SER A 118 29.55 -6.82 12.57
C SER A 118 29.15 -7.33 13.93
N ILE A 119 29.65 -8.52 14.27
CA ILE A 119 29.87 -8.88 15.67
C ILE A 119 31.30 -8.43 15.95
N ILE A 120 31.45 -7.72 17.06
CA ILE A 120 32.72 -7.14 17.46
C ILE A 120 33.07 -7.69 18.87
N ASN A 121 34.33 -8.10 19.06
CA ASN A 121 34.77 -8.65 20.38
C ASN A 121 35.18 -7.57 21.40
N GLU A 122 35.50 -8.01 22.63
CA GLU A 122 36.10 -7.16 23.68
C GLU A 122 37.30 -6.32 23.19
N ASP A 123 38.09 -6.87 22.26
CA ASP A 123 39.21 -6.16 21.63
C ASP A 123 38.86 -5.20 20.50
N GLY A 124 37.59 -5.10 20.12
CA GLY A 124 37.20 -4.26 19.00
C GLY A 124 37.60 -4.85 17.64
N ASN A 125 37.74 -6.17 17.56
CA ASN A 125 37.94 -6.86 16.28
C ASN A 125 36.62 -7.33 15.71
N GLU A 126 36.48 -7.18 14.39
CA GLU A 126 35.25 -7.59 13.70
C GLU A 126 35.47 -9.05 13.21
N ILE A 127 34.77 -9.93 14.03
CA ILE A 127 34.83 -11.40 13.85
C ILE A 127 33.78 -11.96 12.90
N PHE A 128 32.74 -11.19 12.60
CA PHE A 128 31.78 -11.59 11.58
C PHE A 128 31.21 -10.33 10.94
N ASN A 129 31.13 -10.36 9.61
CA ASN A 129 30.50 -9.30 8.84
C ASN A 129 29.33 -9.88 8.04
N THR A 130 28.20 -9.15 8.02
CA THR A 130 27.13 -9.48 7.08
C THR A 130 27.59 -9.20 5.64
N SER A 131 26.80 -9.73 4.69
CA SER A 131 27.10 -9.60 3.25
C SER A 131 27.03 -8.15 2.71
N LEU A 132 27.86 -7.89 1.69
CA LEU A 132 27.87 -6.57 1.01
C LEU A 132 26.84 -6.50 -0.11
N PHE A 133 26.36 -7.65 -0.58
CA PHE A 133 25.37 -7.71 -1.65
C PHE A 133 24.72 -9.08 -1.64
N GLU A 134 23.59 -9.22 -2.32
CA GLU A 134 22.94 -10.52 -2.51
C GLU A 134 23.65 -11.25 -3.66
N PRO A 135 23.87 -12.56 -3.54
CA PRO A 135 24.41 -13.29 -4.71
C PRO A 135 23.51 -13.10 -5.93
N PRO A 136 24.02 -12.50 -7.00
CA PRO A 136 23.14 -12.26 -8.12
C PRO A 136 22.59 -13.56 -8.74
N PRO A 137 21.37 -13.48 -9.29
CA PRO A 137 20.80 -14.66 -9.91
C PRO A 137 21.49 -15.05 -11.23
N PRO A 138 21.34 -16.31 -11.65
CA PRO A 138 22.02 -16.83 -12.84
C PRO A 138 21.81 -15.95 -14.08
N GLY A 139 22.90 -15.60 -14.74
CA GLY A 139 22.86 -14.76 -15.91
C GLY A 139 22.81 -13.26 -15.70
N TYR A 140 22.67 -12.82 -14.45
CA TYR A 140 22.61 -11.40 -14.07
C TYR A 140 23.86 -11.07 -13.25
N GLU A 141 24.86 -11.92 -13.30
CA GLU A 141 26.03 -11.72 -12.46
C GLU A 141 26.92 -10.56 -12.98
N ASN A 142 26.68 -10.09 -14.21
CA ASN A 142 27.43 -8.97 -14.77
C ASN A 142 26.56 -7.72 -14.93
N VAL A 143 25.35 -7.72 -14.36
CA VAL A 143 24.53 -6.54 -14.45
C VAL A 143 25.13 -5.49 -13.52
N SER A 144 25.32 -4.29 -14.05
CA SER A 144 25.75 -3.20 -13.20
C SER A 144 24.56 -2.43 -12.60
N ASP A 145 24.91 -1.71 -11.53
CA ASP A 145 24.05 -0.85 -10.80
C ASP A 145 22.95 -1.60 -10.07
N ILE A 146 23.23 -2.82 -9.61
CA ILE A 146 22.31 -3.45 -8.69
C ILE A 146 22.57 -2.78 -7.33
N VAL A 147 21.59 -2.06 -6.80
CA VAL A 147 21.76 -1.40 -5.50
C VAL A 147 21.76 -2.46 -4.43
N PRO A 148 22.80 -2.46 -3.55
CA PRO A 148 22.83 -3.47 -2.51
C PRO A 148 21.72 -3.26 -1.53
N PRO A 149 21.38 -4.32 -0.77
CA PRO A 149 20.34 -4.13 0.23
C PRO A 149 20.66 -2.99 1.21
N PHE A 150 19.63 -2.20 1.48
CA PHE A 150 19.72 -1.10 2.42
C PHE A 150 18.33 -0.66 2.81
N SER A 151 18.24 0.07 3.92
CA SER A 151 16.95 0.62 4.40
C SER A 151 16.94 2.09 4.01
N ALA A 152 16.11 2.45 3.03
CA ALA A 152 16.17 3.82 2.48
C ALA A 152 15.74 4.82 3.54
N PHE A 153 16.55 5.87 3.68
CA PHE A 153 16.41 7.04 4.55
C PHE A 153 16.98 6.83 5.95
N SER A 154 17.68 5.71 6.19
CA SER A 154 18.45 5.55 7.42
C SER A 154 19.42 6.70 7.57
N PRO A 155 19.53 7.26 8.77
CA PRO A 155 20.66 8.12 9.03
C PRO A 155 21.97 7.31 9.09
N GLN A 156 23.09 8.03 9.03
CA GLN A 156 24.43 7.47 9.18
C GLN A 156 24.71 7.22 10.64
N GLY A 157 25.55 6.25 10.90
CA GLY A 157 25.98 5.97 12.28
C GLY A 157 26.81 4.70 12.31
N MET A 158 27.54 4.53 13.40
CA MET A 158 28.20 3.28 13.71
C MET A 158 27.89 2.81 15.13
N PRO A 159 26.60 2.73 15.50
CA PRO A 159 26.26 2.35 16.86
C PRO A 159 26.69 0.92 17.20
N GLU A 160 27.03 0.74 18.46
CA GLU A 160 27.58 -0.49 19.00
C GLU A 160 26.85 -0.77 20.30
N GLY A 161 26.49 -2.02 20.55
CA GLY A 161 25.74 -2.37 21.75
C GLY A 161 25.25 -3.79 21.78
N ASP A 162 24.39 -4.08 22.76
CA ASP A 162 23.82 -5.41 22.98
C ASP A 162 22.48 -5.59 22.25
N LEU A 163 22.32 -6.74 21.60
CA LEU A 163 21.10 -7.05 20.88
C LEU A 163 19.94 -7.31 21.82
N VAL A 164 18.76 -6.87 21.41
CA VAL A 164 17.49 -7.34 21.97
C VAL A 164 16.58 -7.78 20.81
N TYR A 165 15.90 -8.91 20.97
CA TYR A 165 15.08 -9.48 19.91
C TYR A 165 13.62 -9.14 20.23
N VAL A 166 12.96 -8.49 19.26
CA VAL A 166 11.67 -7.84 19.49
C VAL A 166 10.56 -8.46 18.64
N ASN A 167 10.78 -9.70 18.20
CA ASN A 167 9.81 -10.40 17.37
C ASN A 167 9.51 -9.51 16.14
N TYR A 168 8.26 -9.18 15.84
CA TYR A 168 7.95 -8.38 14.65
C TYR A 168 8.01 -6.86 14.87
N ALA A 169 8.49 -6.42 16.04
CA ALA A 169 8.49 -5.03 16.45
C ALA A 169 7.10 -4.32 16.33
N ARG A 170 6.00 -5.09 16.51
CA ARG A 170 4.68 -4.48 16.58
C ARG A 170 4.45 -3.75 17.91
N THR A 171 3.45 -2.86 17.92
CA THR A 171 2.95 -2.24 19.17
C THR A 171 2.79 -3.31 20.27
N GLU A 172 2.00 -4.36 19.99
CA GLU A 172 1.75 -5.41 21.01
C GLU A 172 3.01 -6.17 21.44
N ASP A 173 3.97 -6.36 20.53
CA ASP A 173 5.26 -7.02 20.87
C ASP A 173 6.02 -6.17 21.90
N PHE A 174 6.11 -4.88 21.65
CA PHE A 174 6.73 -3.97 22.63
C PHE A 174 6.01 -3.86 23.97
N PHE A 175 4.66 -3.86 23.93
CA PHE A 175 3.80 -3.90 25.16
C PHE A 175 4.16 -5.13 26.00
N LYS A 176 4.36 -6.28 25.34
CA LYS A 176 4.77 -7.52 26.01
C LYS A 176 6.19 -7.49 26.61
N LEU A 177 7.13 -6.89 25.90
CA LEU A 177 8.51 -6.72 26.39
C LEU A 177 8.56 -5.85 27.61
N GLU A 178 7.94 -4.66 27.53
CA GLU A 178 8.05 -3.64 28.57
C GLU A 178 7.14 -3.94 29.77
N ARG A 179 5.87 -4.24 29.48
CA ARG A 179 4.82 -4.38 30.51
C ARG A 179 4.80 -5.74 31.22
N ASP A 180 4.87 -6.83 30.44
CA ASP A 180 4.82 -8.21 30.99
C ASP A 180 6.20 -8.83 31.32
N MET A 181 7.19 -8.63 30.46
CA MET A 181 8.53 -9.23 30.66
C MET A 181 9.53 -8.30 31.32
N LYS A 182 9.17 -7.03 31.51
CA LYS A 182 10.04 -6.01 32.15
C LYS A 182 11.43 -5.95 31.49
N ILE A 183 11.47 -5.79 30.17
CA ILE A 183 12.73 -5.71 29.42
C ILE A 183 12.83 -4.32 28.81
N ASN A 184 14.00 -3.69 28.97
CA ASN A 184 14.24 -2.28 28.63
C ASN A 184 15.12 -2.16 27.37
N CYS A 185 14.52 -1.74 26.25
CA CYS A 185 15.23 -1.57 24.97
C CYS A 185 16.09 -0.31 24.84
N SER A 186 16.05 0.58 25.83
CA SER A 186 16.82 1.84 25.80
C SER A 186 18.34 1.60 25.72
N GLY A 187 18.99 2.21 24.72
CA GLY A 187 20.43 2.02 24.47
C GLY A 187 20.78 0.72 23.75
N LYS A 188 19.78 -0.11 23.46
CA LYS A 188 20.00 -1.44 22.84
C LYS A 188 19.89 -1.35 21.30
N ILE A 189 20.66 -2.19 20.59
CA ILE A 189 20.42 -2.44 19.15
C ILE A 189 19.34 -3.51 19.06
N VAL A 190 18.19 -3.20 18.47
CA VAL A 190 17.10 -4.17 18.38
C VAL A 190 17.18 -4.91 17.04
N ILE A 191 16.92 -6.21 17.08
CA ILE A 191 16.83 -7.01 15.88
C ILE A 191 15.39 -7.48 15.79
N ALA A 192 14.77 -7.23 14.64
CA ALA A 192 13.39 -7.60 14.42
C ALA A 192 13.25 -8.34 13.14
N ARG A 193 12.27 -9.25 13.14
CA ARG A 193 11.93 -9.91 11.91
C ARG A 193 10.93 -9.11 11.12
N TYR A 194 11.15 -9.08 9.83
CA TYR A 194 10.15 -8.49 8.92
C TYR A 194 8.83 -9.26 9.05
N GLY A 195 7.73 -8.55 8.78
CA GLY A 195 6.41 -9.16 8.66
C GLY A 195 5.39 -8.50 9.56
N LYS A 196 4.13 -8.82 9.30
CA LYS A 196 2.95 -8.40 10.10
C LYS A 196 2.57 -6.97 9.83
N VAL A 197 3.54 -6.06 9.93
CA VAL A 197 3.31 -4.66 9.76
C VAL A 197 4.38 -4.00 8.92
N PHE A 198 4.06 -2.78 8.47
CA PHE A 198 4.98 -1.97 7.67
C PHE A 198 6.27 -1.67 8.43
N ARG A 199 7.40 -1.84 7.75
CA ARG A 199 8.72 -1.76 8.46
C ARG A 199 9.00 -0.41 9.11
N GLY A 200 8.43 0.63 8.53
CA GLY A 200 8.48 1.97 9.13
C GLY A 200 7.84 2.02 10.51
N ASN A 201 6.73 1.31 10.68
CA ASN A 201 6.06 1.24 11.96
C ASN A 201 6.97 0.57 12.99
N LYS A 202 7.75 -0.42 12.53
CA LYS A 202 8.71 -1.14 13.38
C LYS A 202 9.76 -0.22 13.89
N VAL A 203 10.34 0.60 12.99
CA VAL A 203 11.47 1.48 13.35
C VAL A 203 10.96 2.60 14.29
N LYS A 204 9.75 3.10 14.02
CA LYS A 204 9.08 4.06 14.91
C LYS A 204 8.84 3.46 16.28
N ASN A 205 8.23 2.27 16.32
CA ASN A 205 7.98 1.56 17.58
C ASN A 205 9.33 1.38 18.30
N ALA A 206 10.37 1.02 17.56
CA ALA A 206 11.71 0.82 18.17
C ALA A 206 12.28 2.10 18.77
N GLN A 207 12.23 3.18 18.00
CA GLN A 207 12.69 4.50 18.42
C GLN A 207 12.03 4.91 19.71
N LEU A 208 10.70 4.81 19.75
CA LEU A 208 9.94 5.22 20.95
C LEU A 208 10.23 4.35 22.15
N ALA A 209 10.66 3.10 21.92
CA ALA A 209 11.22 2.26 22.99
C ALA A 209 12.68 2.58 23.36
N GLY A 210 13.28 3.61 22.76
CA GLY A 210 14.65 4.03 23.09
C GLY A 210 15.84 3.31 22.45
N ALA A 211 15.59 2.40 21.49
CA ALA A 211 16.68 1.66 20.78
C ALA A 211 17.67 2.62 20.11
N LYS A 212 18.93 2.18 19.93
CA LYS A 212 19.92 2.99 19.19
C LYS A 212 20.21 2.51 17.76
N GLY A 213 19.53 1.44 17.36
CA GLY A 213 19.71 0.86 16.03
C GLY A 213 18.70 -0.24 15.78
N VAL A 214 18.38 -0.47 14.52
CA VAL A 214 17.47 -1.53 14.16
C VAL A 214 18.09 -2.37 13.04
N ILE A 215 18.09 -3.68 13.27
CA ILE A 215 18.46 -4.67 12.28
C ILE A 215 17.18 -5.38 11.89
N LEU A 216 16.87 -5.36 10.60
CA LEU A 216 15.69 -6.05 10.10
C LEU A 216 16.11 -7.32 9.40
N TYR A 217 15.38 -8.43 9.58
CA TYR A 217 15.71 -9.62 8.80
C TYR A 217 14.49 -10.38 8.36
N SER A 218 14.67 -11.23 7.36
CA SER A 218 13.62 -12.14 6.86
C SER A 218 13.76 -13.55 7.45
N ASP A 219 12.85 -13.87 8.36
CA ASP A 219 12.83 -15.19 8.95
C ASP A 219 12.14 -16.16 7.98
N PRO A 220 12.71 -17.38 7.81
CA PRO A 220 12.03 -18.41 7.01
C PRO A 220 10.62 -18.74 7.48
N ALA A 221 10.32 -18.57 8.76
CA ALA A 221 8.94 -18.76 9.20
C ALA A 221 7.96 -17.90 8.38
N ASP A 222 8.38 -16.69 8.04
CA ASP A 222 7.54 -15.72 7.34
C ASP A 222 7.81 -15.62 5.83
N TYR A 223 8.97 -16.09 5.33
CA TYR A 223 9.32 -15.92 3.90
C TYR A 223 9.80 -17.19 3.20
N PHE A 224 9.54 -18.36 3.79
CA PHE A 224 9.98 -19.61 3.15
C PHE A 224 8.81 -20.57 3.19
N ALA A 225 8.12 -20.73 2.07
CA ALA A 225 6.98 -21.64 1.99
C ALA A 225 7.46 -23.10 2.06
N PRO A 226 6.87 -23.92 2.95
CA PRO A 226 7.28 -25.33 3.06
C PRO A 226 7.18 -26.13 1.75
N GLY A 227 8.19 -26.95 1.45
CA GLY A 227 8.19 -27.78 0.25
C GLY A 227 8.51 -27.14 -1.10
N VAL A 228 8.82 -25.84 -1.09
CA VAL A 228 9.13 -25.09 -2.31
C VAL A 228 10.61 -24.77 -2.33
N LYS A 229 11.22 -24.88 -3.51
CA LYS A 229 12.64 -24.57 -3.67
C LYS A 229 12.94 -23.08 -3.65
N SER A 230 14.10 -22.73 -3.10
CA SER A 230 14.73 -21.43 -3.25
C SER A 230 15.01 -21.03 -4.70
N TYR A 231 14.88 -19.73 -5.00
CA TYR A 231 15.32 -19.17 -6.31
C TYR A 231 16.80 -19.57 -6.55
N PRO A 232 17.20 -19.98 -7.74
CA PRO A 232 16.41 -20.01 -9.00
C PRO A 232 15.56 -21.26 -9.29
N ASP A 233 15.45 -22.20 -8.37
CA ASP A 233 14.74 -23.45 -8.67
C ASP A 233 13.31 -23.48 -8.16
N GLY A 234 12.91 -22.44 -7.45
CA GLY A 234 11.54 -22.22 -7.13
C GLY A 234 11.41 -20.79 -6.67
N TRP A 235 10.26 -20.48 -6.09
CA TRP A 235 9.94 -19.12 -5.76
C TRP A 235 10.24 -18.68 -4.33
N ASN A 236 10.98 -19.49 -3.57
CA ASN A 236 11.32 -19.16 -2.19
C ASN A 236 12.55 -18.25 -2.03
N LEU A 237 12.63 -17.60 -0.87
CA LEU A 237 13.74 -16.76 -0.48
C LEU A 237 14.96 -17.56 -0.05
N PRO A 238 16.11 -17.38 -0.75
CA PRO A 238 17.31 -18.03 -0.24
C PRO A 238 17.92 -17.29 0.95
N GLY A 239 18.84 -17.96 1.64
CA GLY A 239 19.45 -17.38 2.85
C GLY A 239 20.23 -16.09 2.70
N GLY A 240 20.67 -15.82 1.47
CA GLY A 240 21.34 -14.58 1.15
C GLY A 240 20.45 -13.50 0.57
N GLY A 241 19.17 -13.82 0.35
CA GLY A 241 18.19 -12.85 -0.16
C GLY A 241 17.87 -11.83 0.92
N VAL A 242 17.59 -10.60 0.49
CA VAL A 242 17.35 -9.50 1.45
C VAL A 242 16.21 -8.61 0.89
N GLN A 243 15.29 -8.27 1.77
CA GLN A 243 14.20 -7.36 1.49
C GLN A 243 14.62 -5.91 1.69
N ARG A 244 14.78 -5.19 0.58
CA ARG A 244 14.93 -3.73 0.62
C ARG A 244 13.63 -3.07 1.05
N GLY A 245 13.71 -1.79 1.39
CA GLY A 245 12.53 -1.00 1.61
C GLY A 245 12.70 0.25 2.45
N ASN A 246 11.89 1.28 2.17
CA ASN A 246 11.98 2.51 2.95
C ASN A 246 11.39 2.31 4.36
N ILE A 247 11.88 3.13 5.29
CA ILE A 247 11.50 3.06 6.66
C ILE A 247 10.96 4.40 7.16
N LEU A 248 10.34 5.14 6.25
CA LEU A 248 9.75 6.47 6.58
C LEU A 248 8.46 6.27 7.32
N ASN A 249 8.08 7.28 8.09
CA ASN A 249 6.71 7.37 8.63
C ASN A 249 6.11 8.70 8.16
N LEU A 250 5.71 8.75 6.90
CA LEU A 250 5.29 10.04 6.27
C LEU A 250 3.87 10.39 6.60
N ASN A 251 3.06 9.40 6.97
CA ASN A 251 1.61 9.66 7.17
C ASN A 251 0.95 10.44 6.00
N GLY A 252 1.32 10.04 4.79
CA GLY A 252 0.71 10.62 3.60
C GLY A 252 1.30 11.91 3.07
N ALA A 253 2.42 12.36 3.63
CA ALA A 253 2.95 13.70 3.32
C ALA A 253 3.61 13.80 1.95
N GLY A 254 4.06 12.70 1.40
CA GLY A 254 4.89 12.72 0.20
C GLY A 254 6.35 13.08 0.47
N ASP A 255 6.98 13.82 -0.45
CA ASP A 255 8.35 14.28 -0.27
C ASP A 255 8.52 14.89 1.12
N PRO A 256 9.45 14.35 1.91
CA PRO A 256 9.70 14.81 3.26
C PRO A 256 9.96 16.29 3.42
N LEU A 257 10.52 16.91 2.39
CA LEU A 257 10.91 18.30 2.43
C LEU A 257 9.83 19.32 2.02
N THR A 258 8.73 18.89 1.43
CA THR A 258 7.75 19.83 0.86
C THR A 258 6.31 19.45 1.15
N PRO A 259 5.98 19.11 2.39
CA PRO A 259 4.62 18.63 2.67
C PRO A 259 3.55 19.68 2.33
N GLY A 260 2.55 19.28 1.55
CA GLY A 260 1.47 20.17 1.17
C GLY A 260 1.57 20.77 -0.23
N TYR A 261 2.76 20.76 -0.84
CA TYR A 261 3.01 21.57 -2.04
C TYR A 261 3.96 20.79 -2.96
N PRO A 262 3.79 20.92 -4.27
CA PRO A 262 4.70 20.15 -5.13
C PRO A 262 6.15 20.58 -5.07
N ALA A 263 7.03 19.58 -5.16
CA ALA A 263 8.47 19.78 -5.13
C ALA A 263 8.96 20.21 -6.52
N ASN A 264 8.51 21.38 -6.90
CA ASN A 264 8.76 21.93 -8.22
C ASN A 264 10.06 22.71 -8.18
N GLU A 265 10.34 23.44 -9.26
CA GLU A 265 11.63 24.06 -9.44
C GLU A 265 11.89 25.21 -8.44
N TYR A 266 10.84 25.88 -7.99
CA TYR A 266 11.01 27.04 -7.11
C TYR A 266 10.66 26.71 -5.66
N ALA A 267 10.53 25.42 -5.37
CA ALA A 267 10.10 24.98 -4.07
C ALA A 267 10.99 25.43 -2.94
N TYR A 268 10.40 25.83 -1.83
CA TYR A 268 11.14 26.09 -0.60
C TYR A 268 11.11 24.78 0.18
N ARG A 269 12.26 24.31 0.59
CA ARG A 269 12.38 23.01 1.24
C ARG A 269 12.65 23.16 2.70
N ARG A 270 12.02 22.33 3.52
CA ARG A 270 12.48 22.23 4.92
C ARG A 270 13.95 21.78 4.99
N GLY A 271 14.61 22.21 6.06
CA GLY A 271 15.86 21.61 6.46
C GLY A 271 15.62 20.16 6.90
N ILE A 272 16.66 19.32 6.76
CA ILE A 272 16.59 17.90 7.11
C ILE A 272 16.10 17.70 8.53
N ALA A 273 16.51 18.57 9.44
CA ALA A 273 16.03 18.49 10.82
C ALA A 273 14.51 18.64 10.98
N GLU A 274 13.83 19.37 10.08
CA GLU A 274 12.38 19.55 10.16
C GLU A 274 11.62 18.66 9.14
N ALA A 275 12.34 17.76 8.45
CA ALA A 275 11.73 16.94 7.43
C ALA A 275 10.67 16.02 8.04
N VAL A 276 9.69 15.63 7.23
CA VAL A 276 8.62 14.77 7.70
C VAL A 276 9.09 13.34 7.65
N GLY A 277 9.04 12.65 8.78
CA GLY A 277 9.00 11.19 8.70
C GLY A 277 10.32 10.42 8.70
N LEU A 278 11.45 11.11 8.89
CA LEU A 278 12.75 10.44 8.78
C LEU A 278 13.05 9.70 10.05
N PRO A 279 13.70 8.55 9.93
CA PRO A 279 14.10 7.81 11.11
C PRO A 279 15.30 8.49 11.76
N SER A 280 15.42 8.31 13.07
CA SER A 280 16.44 9.00 13.81
C SER A 280 17.57 8.07 14.26
N ILE A 281 17.46 6.76 14.03
CA ILE A 281 18.49 5.77 14.38
C ILE A 281 18.84 4.94 13.16
N PRO A 282 20.09 4.45 13.05
CA PRO A 282 20.42 3.67 11.88
C PRO A 282 19.69 2.32 11.77
N VAL A 283 19.43 1.91 10.52
CA VAL A 283 18.67 0.72 10.21
C VAL A 283 19.27 0.02 8.98
N HIS A 284 19.29 -1.31 8.99
CA HIS A 284 19.81 -2.11 7.88
C HIS A 284 19.11 -3.49 7.85
N PRO A 285 18.75 -3.97 6.63
CA PRO A 285 18.15 -5.27 6.44
C PRO A 285 19.16 -6.35 6.04
N ILE A 286 18.93 -7.56 6.53
CA ILE A 286 19.78 -8.72 6.24
C ILE A 286 18.94 -9.97 5.94
N GLY A 287 19.59 -10.99 5.38
CA GLY A 287 18.94 -12.25 5.10
C GLY A 287 19.09 -13.16 6.29
N TYR A 288 18.48 -14.34 6.19
CA TYR A 288 18.43 -15.27 7.30
C TYR A 288 19.73 -16.04 7.59
N TYR A 289 20.60 -16.23 6.60
CA TYR A 289 21.97 -16.71 6.90
C TYR A 289 22.74 -15.78 7.86
N ASP A 290 22.77 -14.50 7.51
CA ASP A 290 23.37 -13.47 8.35
C ASP A 290 22.69 -13.32 9.71
N ALA A 291 21.36 -13.38 9.72
CA ALA A 291 20.59 -13.27 10.96
C ALA A 291 20.89 -14.43 11.91
N GLN A 292 21.09 -15.62 11.37
CA GLN A 292 21.40 -16.80 12.19
C GLN A 292 22.71 -16.59 12.95
N LYS A 293 23.71 -16.01 12.30
CA LYS A 293 24.95 -15.64 12.95
C LYS A 293 24.79 -14.62 14.11
N LEU A 294 23.91 -13.63 13.96
CA LEU A 294 23.63 -12.64 15.02
C LEU A 294 22.69 -13.17 16.14
N LEU A 295 21.77 -14.09 15.81
CA LEU A 295 20.81 -14.60 16.80
C LEU A 295 21.30 -15.80 17.65
N GLU A 296 22.24 -16.56 17.12
CA GLU A 296 22.59 -17.86 17.71
C GLU A 296 23.22 -17.73 19.11
N LYS A 297 23.85 -16.59 19.39
CA LYS A 297 24.49 -16.33 20.68
C LYS A 297 23.61 -15.62 21.73
N MET A 298 22.35 -15.34 21.39
CA MET A 298 21.43 -14.57 22.28
C MET A 298 21.16 -15.23 23.67
N GLY A 299 21.34 -14.44 24.73
CA GLY A 299 21.12 -14.88 26.12
C GLY A 299 19.91 -14.19 26.73
N GLY A 300 19.93 -13.96 28.04
CA GLY A 300 18.84 -13.27 28.73
C GLY A 300 17.56 -14.06 28.69
N SER A 301 16.43 -13.37 28.79
CA SER A 301 15.10 -14.01 28.85
C SER A 301 14.75 -14.90 27.64
N ALA A 302 14.05 -16.00 27.92
CA ALA A 302 13.54 -16.90 26.89
C ALA A 302 12.42 -16.20 26.13
N PRO A 303 12.14 -16.66 24.89
CA PRO A 303 10.93 -16.12 24.24
C PRO A 303 9.68 -16.43 25.09
N PRO A 304 8.76 -15.46 25.26
CA PRO A 304 7.61 -15.70 26.13
C PRO A 304 6.65 -16.79 25.65
N ASP A 305 6.69 -17.10 24.36
CA ASP A 305 5.85 -18.15 23.76
C ASP A 305 6.32 -18.46 22.33
N SER A 306 5.68 -19.46 21.71
CA SER A 306 6.05 -19.95 20.37
C SER A 306 5.78 -18.95 19.24
N SER A 307 4.90 -17.96 19.48
CA SER A 307 4.68 -16.87 18.53
C SER A 307 5.87 -15.89 18.43
N TRP A 308 6.85 -15.99 19.34
CA TRP A 308 8.12 -15.26 19.26
C TRP A 308 9.28 -16.01 18.57
N ARG A 309 9.05 -17.31 18.25
CA ARG A 309 10.06 -18.18 17.64
C ARG A 309 9.78 -18.36 16.14
N GLY A 310 10.76 -17.99 15.32
CA GLY A 310 10.82 -18.36 13.91
C GLY A 310 11.28 -19.79 13.68
N SER A 311 11.82 -20.05 12.49
CA SER A 311 12.19 -21.40 12.05
C SER A 311 13.70 -21.61 12.00
N LEU A 312 14.49 -20.59 12.34
CA LEU A 312 15.94 -20.80 12.40
C LEU A 312 16.26 -21.70 13.58
N LYS A 313 17.40 -22.36 13.49
CA LYS A 313 17.85 -23.24 14.56
C LYS A 313 18.60 -22.42 15.60
N VAL A 314 17.84 -21.61 16.33
CA VAL A 314 18.36 -20.75 17.40
C VAL A 314 17.30 -20.70 18.50
N PRO A 315 17.68 -20.26 19.71
CA PRO A 315 16.67 -20.24 20.76
C PRO A 315 15.65 -19.11 20.62
N TYR A 316 16.00 -18.05 19.90
CA TYR A 316 15.15 -16.85 19.85
C TYR A 316 14.98 -16.24 21.24
N ASN A 317 16.08 -16.24 22.00
CA ASN A 317 16.10 -15.55 23.28
C ASN A 317 15.99 -14.05 23.04
N VAL A 318 15.25 -13.38 23.90
CA VAL A 318 15.00 -11.95 23.78
C VAL A 318 16.24 -11.12 24.13
N GLY A 319 17.11 -11.65 24.97
CA GLY A 319 18.25 -10.86 25.46
C GLY A 319 17.87 -10.10 26.72
N PRO A 320 18.50 -8.95 26.99
CA PRO A 320 19.54 -8.34 26.14
C PRO A 320 20.86 -9.11 26.15
N GLY A 321 21.72 -8.83 25.16
CA GLY A 321 23.09 -9.37 25.13
C GLY A 321 23.22 -10.84 24.73
N PHE A 322 24.48 -11.29 24.60
CA PHE A 322 24.78 -12.70 24.29
C PHE A 322 25.08 -13.55 25.55
N THR A 323 25.19 -14.88 25.38
CA THR A 323 25.45 -15.84 26.49
C THR A 323 26.86 -15.71 27.07
N GLY A 324 27.02 -16.16 28.33
CA GLY A 324 28.21 -15.89 29.13
C GLY A 324 29.56 -15.94 28.44
N ASN A 325 29.79 -16.97 27.62
CA ASN A 325 31.05 -17.12 26.87
C ASN A 325 31.33 -15.90 26.00
N PHE A 326 30.26 -15.39 25.41
CA PHE A 326 30.26 -14.28 24.46
C PHE A 326 29.63 -12.99 25.00
N SER A 327 29.39 -12.88 26.32
CA SER A 327 28.71 -11.71 26.87
C SER A 327 29.54 -10.42 26.69
N THR A 328 30.82 -10.58 26.37
CA THR A 328 31.75 -9.47 26.13
C THR A 328 31.74 -8.97 24.69
N GLN A 329 31.21 -9.77 23.76
CA GLN A 329 31.02 -9.33 22.37
C GLN A 329 29.78 -8.47 22.24
N LYS A 330 29.78 -7.64 21.20
CA LYS A 330 28.67 -6.75 20.91
C LYS A 330 28.41 -6.71 19.39
N VAL A 331 27.37 -5.99 18.98
CA VAL A 331 27.02 -5.86 17.56
C VAL A 331 27.29 -4.42 17.15
N LYS A 332 27.92 -4.24 15.99
CA LYS A 332 28.22 -2.93 15.44
C LYS A 332 27.67 -2.74 14.00
N MET A 333 26.87 -1.70 13.80
CA MET A 333 26.33 -1.33 12.49
C MET A 333 27.26 -0.30 11.84
N HIS A 334 27.32 -0.30 10.52
CA HIS A 334 28.08 0.67 9.73
C HIS A 334 27.22 1.18 8.58
N ILE A 335 26.59 2.35 8.77
CA ILE A 335 25.64 2.90 7.80
C ILE A 335 26.16 4.24 7.32
N HIS A 336 26.35 4.33 6.00
CA HIS A 336 26.90 5.51 5.30
C HIS A 336 26.03 6.04 4.14
N SER A 337 24.79 5.56 4.07
CA SER A 337 23.81 6.00 3.07
C SER A 337 23.63 7.49 3.21
N THR A 338 23.34 8.18 2.10
CA THR A 338 23.08 9.63 2.16
C THR A 338 21.73 9.96 1.54
N ASN A 339 21.06 10.94 2.11
CA ASN A 339 19.82 11.47 1.57
C ASN A 339 20.16 12.59 0.60
N GLU A 340 19.56 12.60 -0.58
CA GLU A 340 19.93 13.54 -1.64
C GLU A 340 18.68 13.93 -2.42
N VAL A 341 18.49 15.24 -2.61
CA VAL A 341 17.41 15.74 -3.46
C VAL A 341 17.71 15.34 -4.90
N THR A 342 16.78 14.66 -5.54
CA THR A 342 17.02 13.97 -6.80
C THR A 342 15.79 14.12 -7.68
N ARG A 343 16.02 14.24 -8.99
CA ARG A 343 14.87 14.45 -9.87
C ARG A 343 14.16 13.10 -10.18
N ILE A 344 12.85 13.13 -10.22
CA ILE A 344 12.00 11.98 -10.53
C ILE A 344 11.03 12.39 -11.61
N TYR A 345 10.49 11.39 -12.34
CA TYR A 345 9.66 11.61 -13.52
C TYR A 345 8.44 10.70 -13.53
N ASN A 346 7.26 11.31 -13.47
CA ASN A 346 6.03 10.61 -13.79
C ASN A 346 5.73 10.74 -15.29
N VAL A 347 5.18 9.69 -15.90
CA VAL A 347 4.59 9.81 -17.24
C VAL A 347 3.06 9.94 -17.07
N ILE A 348 2.51 10.97 -17.68
CA ILE A 348 1.06 11.27 -17.60
C ILE A 348 0.47 11.29 -19.02
N GLY A 349 -0.38 10.30 -19.31
CA GLY A 349 -1.05 10.19 -20.62
C GLY A 349 -2.50 10.56 -20.52
N THR A 350 -3.03 11.24 -21.53
CA THR A 350 -4.40 11.69 -21.54
C THR A 350 -5.14 11.15 -22.73
N LEU A 351 -6.30 10.56 -22.49
CA LEU A 351 -7.25 10.21 -23.54
C LEU A 351 -8.50 11.03 -23.28
N ARG A 352 -8.65 12.11 -24.05
CA ARG A 352 -9.72 13.09 -23.84
CA ARG A 352 -9.73 13.10 -23.84
C ARG A 352 -11.13 12.47 -24.04
N GLY A 353 -12.04 12.72 -23.07
CA GLY A 353 -13.43 12.28 -23.19
C GLY A 353 -14.19 13.04 -24.24
N ALA A 354 -15.11 12.36 -24.90
CA ALA A 354 -15.93 12.96 -25.94
C ALA A 354 -17.04 13.83 -25.42
N VAL A 355 -17.60 13.52 -24.24
CA VAL A 355 -18.81 14.19 -23.70
C VAL A 355 -18.51 14.95 -22.39
N GLU A 356 -17.76 14.29 -21.48
CA GLU A 356 -17.35 14.89 -20.22
C GLU A 356 -15.81 14.93 -20.07
N PRO A 357 -15.15 15.74 -20.90
CA PRO A 357 -13.69 15.81 -20.86
C PRO A 357 -13.16 16.33 -19.54
N ASP A 358 -14.02 17.05 -18.79
CA ASP A 358 -13.71 17.55 -17.47
C ASP A 358 -14.00 16.56 -16.29
N ARG A 359 -14.11 15.27 -16.59
CA ARG A 359 -14.25 14.24 -15.60
C ARG A 359 -13.15 13.23 -15.87
N TYR A 360 -12.45 12.89 -14.81
CA TYR A 360 -11.20 12.14 -14.89
C TYR A 360 -11.31 10.82 -14.23
N VAL A 361 -11.00 9.76 -15.00
CA VAL A 361 -10.84 8.40 -14.48
C VAL A 361 -9.36 8.08 -14.65
N ILE A 362 -8.71 7.76 -13.55
CA ILE A 362 -7.27 7.62 -13.51
C ILE A 362 -6.88 6.16 -13.33
N LEU A 363 -5.98 5.69 -14.20
CA LEU A 363 -5.36 4.39 -14.02
C LEU A 363 -3.88 4.66 -13.79
N GLY A 364 -3.40 4.36 -12.60
CA GLY A 364 -2.03 4.74 -12.21
C GLY A 364 -1.30 3.62 -11.45
N GLY A 365 0.00 3.46 -11.74
CA GLY A 365 0.85 2.52 -10.98
C GLY A 365 2.27 2.96 -11.15
N HIS A 366 3.15 2.52 -10.26
CA HIS A 366 4.55 2.94 -10.32
C HIS A 366 5.42 2.11 -11.28
N ARG A 367 6.53 2.74 -11.67
CA ARG A 367 7.50 2.22 -12.62
C ARG A 367 8.85 1.92 -11.97
N ASP A 368 9.18 2.68 -10.90
CA ASP A 368 10.45 2.54 -10.21
C ASP A 368 10.44 1.20 -9.47
N SER A 369 11.61 0.59 -9.40
CA SER A 369 11.82 -0.68 -8.72
C SER A 369 13.06 -0.65 -7.87
N TRP A 370 13.15 -1.57 -6.90
CA TRP A 370 14.37 -1.72 -6.13
C TRP A 370 15.49 -2.29 -6.98
N VAL A 371 15.23 -3.37 -7.69
CA VAL A 371 16.19 -3.86 -8.68
C VAL A 371 15.47 -4.07 -10.01
N PHE A 372 15.21 -5.32 -10.41
CA PHE A 372 14.60 -5.59 -11.73
C PHE A 372 13.12 -5.44 -11.75
N GLY A 373 12.48 -5.50 -10.57
CA GLY A 373 11.01 -5.29 -10.46
C GLY A 373 10.13 -6.29 -11.22
N GLY A 374 10.56 -7.55 -11.26
CA GLY A 374 9.88 -8.60 -12.02
CA GLY A 374 9.88 -8.60 -12.02
C GLY A 374 8.40 -8.69 -11.68
N ILE A 375 8.10 -8.65 -10.39
CA ILE A 375 6.71 -8.54 -9.91
C ILE A 375 6.43 -7.06 -9.61
N ASP A 376 7.25 -6.50 -8.72
CA ASP A 376 6.97 -5.19 -8.13
C ASP A 376 7.87 -4.11 -8.76
N PRO A 377 7.37 -3.26 -9.67
CA PRO A 377 6.00 -3.11 -10.13
C PRO A 377 5.75 -3.58 -11.55
N GLN A 378 6.73 -4.16 -12.21
CA GLN A 378 6.62 -4.27 -13.66
C GLN A 378 5.49 -5.24 -14.09
N SER A 379 5.09 -6.19 -13.24
CA SER A 379 3.94 -7.02 -13.60
C SER A 379 2.66 -6.19 -13.69
N GLY A 380 2.61 -5.13 -12.91
CA GLY A 380 1.57 -4.11 -13.02
C GLY A 380 1.71 -3.18 -14.20
N ALA A 381 2.90 -2.62 -14.36
CA ALA A 381 3.13 -1.64 -15.41
C ALA A 381 2.94 -2.24 -16.82
N ALA A 382 3.28 -3.50 -16.96
CA ALA A 382 3.13 -4.20 -18.25
C ALA A 382 1.64 -4.31 -18.58
N VAL A 383 0.85 -4.54 -17.56
CA VAL A 383 -0.62 -4.60 -17.69
C VAL A 383 -1.19 -3.21 -18.11
N VAL A 384 -0.73 -2.15 -17.45
CA VAL A 384 -1.12 -0.81 -17.79
C VAL A 384 -0.73 -0.55 -19.25
N HIS A 385 0.46 -0.96 -19.66
CA HIS A 385 0.93 -0.72 -21.02
C HIS A 385 -0.02 -1.32 -22.06
N GLU A 386 -0.44 -2.56 -21.83
CA GLU A 386 -1.37 -3.25 -22.70
C GLU A 386 -2.76 -2.63 -22.65
N ILE A 387 -3.20 -2.19 -21.48
CA ILE A 387 -4.48 -1.48 -21.38
C ILE A 387 -4.48 -0.19 -22.22
N VAL A 388 -3.42 0.58 -22.13
CA VAL A 388 -3.26 1.79 -22.98
C VAL A 388 -3.28 1.42 -24.46
N ARG A 389 -2.52 0.39 -24.81
CA ARG A 389 -2.51 -0.10 -26.19
C ARG A 389 -3.92 -0.44 -26.67
N SER A 390 -4.71 -1.14 -25.85
CA SER A 390 -6.07 -1.53 -26.23
C SER A 390 -7.01 -0.32 -26.36
N PHE A 391 -6.95 0.63 -25.41
CA PHE A 391 -7.76 1.86 -25.53
C PHE A 391 -7.37 2.64 -26.78
N GLY A 392 -6.06 2.70 -27.03
CA GLY A 392 -5.51 3.33 -28.22
C GLY A 392 -5.96 2.75 -29.55
N THR A 393 -6.12 1.44 -29.59
CA THR A 393 -6.63 0.74 -30.77
C THR A 393 -8.05 1.24 -31.07
N LEU A 394 -8.90 1.25 -30.06
CA LEU A 394 -10.28 1.77 -30.20
C LEU A 394 -10.28 3.23 -30.68
N LYS A 395 -9.41 4.03 -30.06
CA LYS A 395 -9.27 5.43 -30.40
C LYS A 395 -8.89 5.65 -31.86
N LYS A 396 -7.94 4.87 -32.38
CA LYS A 396 -7.59 4.97 -33.84
C LYS A 396 -8.70 4.63 -34.80
N GLU A 397 -9.65 3.83 -34.36
CA GLU A 397 -10.87 3.52 -35.12
C GLU A 397 -12.00 4.54 -34.91
N GLY A 398 -11.75 5.61 -34.15
CA GLY A 398 -12.68 6.72 -34.04
C GLY A 398 -13.47 6.74 -32.75
N TRP A 399 -13.16 5.88 -31.77
CA TRP A 399 -13.92 5.85 -30.55
C TRP A 399 -13.21 6.75 -29.54
N ARG A 400 -13.98 7.31 -28.62
CA ARG A 400 -13.44 7.95 -27.44
C ARG A 400 -14.32 7.57 -26.27
N PRO A 401 -13.73 7.46 -25.08
CA PRO A 401 -14.58 7.26 -23.92
C PRO A 401 -15.44 8.51 -23.67
N ARG A 402 -16.54 8.36 -22.95
CA ARG A 402 -17.38 9.48 -22.54
C ARG A 402 -16.59 10.50 -21.69
N ARG A 403 -15.91 9.98 -20.67
CA ARG A 403 -15.07 10.78 -19.78
C ARG A 403 -13.60 10.64 -20.13
N THR A 404 -12.80 11.59 -19.64
CA THR A 404 -11.37 11.59 -19.84
C THR A 404 -10.72 10.50 -19.00
N ILE A 405 -9.79 9.78 -19.63
CA ILE A 405 -8.99 8.79 -18.97
C ILE A 405 -7.54 9.33 -18.88
N LEU A 406 -7.02 9.33 -17.68
CA LEU A 406 -5.61 9.69 -17.39
C LEU A 406 -4.88 8.41 -17.01
N PHE A 407 -3.74 8.20 -17.66
CA PHE A 407 -2.90 7.04 -17.36
C PHE A 407 -1.61 7.54 -16.73
N ALA A 408 -1.16 6.88 -15.67
CA ALA A 408 0.06 7.35 -14.97
C ALA A 408 1.09 6.23 -14.70
N SER A 409 2.34 6.55 -15.00
CA SER A 409 3.51 5.77 -14.63
C SER A 409 4.24 6.57 -13.55
N TRP A 410 4.03 6.24 -12.27
CA TRP A 410 4.54 7.01 -11.18
C TRP A 410 5.99 6.65 -10.88
N ASP A 411 6.77 7.63 -10.47
CA ASP A 411 8.14 7.41 -10.01
C ASP A 411 8.18 7.43 -8.49
N ALA A 412 9.28 6.87 -7.96
CA ALA A 412 9.66 6.93 -6.57
C ALA A 412 8.59 6.44 -5.61
N ALA A 413 7.76 5.49 -6.03
CA ALA A 413 6.84 4.90 -5.08
C ALA A 413 7.59 4.19 -3.99
N GLU A 414 8.71 3.55 -4.33
CA GLU A 414 9.45 2.78 -3.36
C GLU A 414 10.06 3.64 -2.24
N PHE A 415 10.18 4.94 -2.49
CA PHE A 415 10.74 5.88 -1.55
C PHE A 415 9.66 6.72 -0.81
N GLY A 416 8.41 6.25 -0.81
CA GLY A 416 7.35 6.90 -0.03
C GLY A 416 6.19 7.43 -0.83
N LEU A 417 5.89 6.79 -1.95
CA LEU A 417 4.81 7.24 -2.80
C LEU A 417 5.01 8.68 -3.30
N LEU A 418 6.25 9.03 -3.60
CA LEU A 418 6.55 10.42 -3.82
C LEU A 418 6.05 10.97 -5.13
N GLY A 419 6.14 10.21 -6.22
CA GLY A 419 5.73 10.66 -7.53
C GLY A 419 4.21 10.92 -7.60
N SER A 420 3.42 9.96 -7.13
CA SER A 420 1.97 10.13 -7.11
C SER A 420 1.59 11.30 -6.20
N THR A 421 2.19 11.36 -5.01
CA THR A 421 1.84 12.40 -4.05
C THR A 421 2.20 13.81 -4.52
N GLU A 422 3.39 14.00 -5.06
CA GLU A 422 3.76 15.31 -5.58
C GLU A 422 2.86 15.77 -6.73
N TRP A 423 2.52 14.87 -7.64
CA TRP A 423 1.64 15.19 -8.76
C TRP A 423 0.25 15.53 -8.26
N ALA A 424 -0.25 14.77 -7.28
CA ALA A 424 -1.56 15.08 -6.69
C ALA A 424 -1.54 16.41 -5.98
N GLU A 425 -0.43 16.72 -5.29
CA GLU A 425 -0.31 18.03 -4.64
C GLU A 425 -0.32 19.16 -5.67
N GLU A 426 0.32 18.95 -6.82
CA GLU A 426 0.34 19.99 -7.83
C GLU A 426 -1.05 20.24 -8.41
N ASN A 427 -1.79 19.15 -8.61
CA ASN A 427 -3.03 19.16 -9.36
C ASN A 427 -4.26 18.95 -8.46
N SER A 428 -4.11 19.25 -7.17
CA SER A 428 -5.13 18.95 -6.19
C SER A 428 -6.50 19.58 -6.53
N ARG A 429 -6.48 20.82 -7.01
CA ARG A 429 -7.70 21.53 -7.39
C ARG A 429 -8.45 20.85 -8.53
N LEU A 430 -7.70 20.40 -9.53
CA LEU A 430 -8.33 19.75 -10.64
C LEU A 430 -8.88 18.41 -10.19
N LEU A 431 -8.13 17.69 -9.38
CA LEU A 431 -8.52 16.32 -8.95
C LEU A 431 -9.72 16.36 -8.06
N GLN A 432 -9.74 17.28 -7.15
CA GLN A 432 -10.88 17.26 -6.26
C GLN A 432 -12.22 17.73 -6.86
N GLU A 433 -12.18 18.58 -7.87
CA GLU A 433 -13.38 18.99 -8.55
C GLU A 433 -13.76 18.12 -9.75
N ARG A 434 -12.80 17.41 -10.32
CA ARG A 434 -13.02 16.63 -11.53
C ARG A 434 -12.75 15.12 -11.43
N GLY A 435 -12.22 14.64 -10.30
CA GLY A 435 -11.78 13.27 -10.16
C GLY A 435 -12.90 12.31 -9.87
N VAL A 436 -13.19 11.47 -10.85
CA VAL A 436 -14.24 10.47 -10.68
C VAL A 436 -13.75 9.28 -9.86
N ALA A 437 -12.61 8.71 -10.28
CA ALA A 437 -12.10 7.50 -9.65
C ALA A 437 -10.66 7.30 -9.99
N TYR A 438 -10.00 6.55 -9.11
CA TYR A 438 -8.60 6.15 -9.28
C TYR A 438 -8.51 4.63 -9.15
N ILE A 439 -7.91 3.99 -10.15
CA ILE A 439 -7.66 2.55 -10.15
C ILE A 439 -6.12 2.38 -10.11
N ASN A 440 -5.64 1.72 -9.09
CA ASN A 440 -4.21 1.52 -8.92
C ASN A 440 -3.71 0.36 -9.85
N ALA A 441 -2.39 0.27 -10.05
CA ALA A 441 -1.83 -0.75 -10.92
C ALA A 441 -0.41 -1.07 -10.54
N ASP A 442 -0.21 -1.44 -9.29
CA ASP A 442 1.08 -2.00 -8.87
C ASP A 442 1.01 -3.50 -9.29
N SER A 443 1.88 -4.35 -8.70
CA SER A 443 2.01 -5.78 -9.00
C SER A 443 0.67 -6.47 -9.34
N SER A 444 0.61 -7.09 -10.51
CA SER A 444 -0.60 -7.79 -10.95
C SER A 444 -0.78 -9.14 -10.25
N ILE A 445 0.30 -9.72 -9.77
CA ILE A 445 0.28 -11.01 -9.14
C ILE A 445 1.14 -10.99 -7.91
N GLU A 446 0.69 -11.66 -6.85
CA GLU A 446 1.53 -11.97 -5.70
C GLU A 446 1.32 -13.47 -5.39
N GLY A 447 0.70 -14.18 -6.31
CA GLY A 447 0.28 -15.56 -6.14
C GLY A 447 -0.51 -15.93 -7.39
N ASN A 448 -1.01 -17.14 -7.44
CA ASN A 448 -1.82 -17.62 -8.57
C ASN A 448 -3.06 -18.41 -8.16
N TYR A 449 -3.59 -18.08 -6.98
CA TYR A 449 -4.69 -18.82 -6.42
C TYR A 449 -6.04 -18.18 -6.79
N THR A 450 -6.22 -16.91 -6.45
CA THR A 450 -7.47 -16.25 -6.84
C THR A 450 -7.35 -14.74 -6.89
N LEU A 451 -8.47 -14.08 -7.18
CA LEU A 451 -8.51 -12.64 -7.22
C LEU A 451 -8.51 -12.03 -5.82
N ARG A 452 -7.93 -10.84 -5.76
CA ARG A 452 -7.96 -10.00 -4.59
C ARG A 452 -8.35 -8.58 -5.01
N VAL A 453 -9.42 -8.05 -4.40
CA VAL A 453 -9.87 -6.70 -4.67
C VAL A 453 -9.96 -5.92 -3.34
N ASP A 454 -9.39 -4.71 -3.32
CA ASP A 454 -9.56 -3.78 -2.22
C ASP A 454 -10.13 -2.50 -2.83
N CYS A 455 -11.24 -1.99 -2.31
CA CYS A 455 -11.81 -0.80 -2.92
C CYS A 455 -12.82 -0.15 -1.98
N THR A 456 -13.17 1.05 -2.36
CA THR A 456 -14.32 1.73 -1.75
C THR A 456 -15.59 0.94 -1.93
N PRO A 457 -16.48 0.98 -0.96
CA PRO A 457 -17.76 0.33 -1.15
C PRO A 457 -18.53 0.84 -2.38
N LEU A 458 -18.25 2.06 -2.85
CA LEU A 458 -18.90 2.58 -4.04
C LEU A 458 -18.66 1.77 -5.31
N MET A 459 -17.59 0.97 -5.35
CA MET A 459 -17.29 0.11 -6.46
C MET A 459 -17.66 -1.38 -6.25
N TYR A 460 -18.25 -1.77 -5.12
CA TYR A 460 -18.56 -3.18 -4.92
C TYR A 460 -19.43 -3.76 -6.05
N SER A 461 -20.51 -3.06 -6.39
CA SER A 461 -21.44 -3.52 -7.43
C SER A 461 -20.79 -3.62 -8.80
N LEU A 462 -20.03 -2.58 -9.17
CA LEU A 462 -19.21 -2.58 -10.38
C LEU A 462 -18.31 -3.83 -10.49
N VAL A 463 -17.65 -4.16 -9.39
CA VAL A 463 -16.71 -5.30 -9.35
C VAL A 463 -17.46 -6.62 -9.45
N HIS A 464 -18.54 -6.78 -8.71
CA HIS A 464 -19.34 -7.98 -8.83
C HIS A 464 -19.82 -8.15 -10.29
N ASN A 465 -20.39 -7.10 -10.86
CA ASN A 465 -20.97 -7.22 -12.20
C ASN A 465 -19.91 -7.47 -13.28
N LEU A 466 -18.76 -6.82 -13.16
CA LEU A 466 -17.70 -7.03 -14.15
C LEU A 466 -17.16 -8.46 -14.10
N THR A 467 -16.84 -8.94 -12.90
CA THR A 467 -16.26 -10.27 -12.71
C THR A 467 -17.22 -11.41 -13.13
N LYS A 468 -18.52 -11.20 -13.03
CA LYS A 468 -19.50 -12.14 -13.60
C LYS A 468 -19.43 -12.23 -15.11
N GLU A 469 -18.94 -11.21 -15.80
CA GLU A 469 -18.81 -11.24 -17.25
C GLU A 469 -17.39 -11.66 -17.72
N LEU A 470 -16.44 -11.86 -16.81
CA LEU A 470 -15.09 -12.31 -17.20
C LEU A 470 -14.95 -13.82 -17.02
N LYS A 471 -14.11 -14.42 -17.84
CA LYS A 471 -13.82 -15.84 -17.74
C LYS A 471 -12.85 -16.13 -16.58
N SER A 472 -13.07 -17.20 -15.82
CA SER A 472 -12.10 -17.59 -14.83
C SER A 472 -10.86 -18.17 -15.52
N PRO A 473 -9.65 -17.74 -15.13
CA PRO A 473 -8.48 -18.41 -15.72
C PRO A 473 -8.03 -19.64 -14.90
N ASP A 474 -8.79 -20.01 -13.88
CA ASP A 474 -8.31 -20.96 -12.89
C ASP A 474 -8.52 -22.38 -13.39
N GLU A 475 -7.65 -23.26 -12.93
CA GLU A 475 -7.75 -24.67 -13.23
C GLU A 475 -8.99 -25.21 -12.56
N GLY A 476 -9.75 -25.99 -13.29
CA GLY A 476 -10.99 -26.56 -12.77
C GLY A 476 -12.19 -25.63 -12.82
N PHE A 477 -12.02 -24.41 -13.32
CA PHE A 477 -13.11 -23.46 -13.49
C PHE A 477 -13.21 -23.04 -14.96
N GLU A 478 -12.83 -23.95 -15.86
CA GLU A 478 -12.90 -23.65 -17.28
C GLU A 478 -14.37 -23.48 -17.67
N GLY A 479 -14.66 -22.41 -18.39
CA GLY A 479 -16.03 -22.11 -18.76
C GLY A 479 -16.87 -21.45 -17.66
N LYS A 480 -16.29 -21.22 -16.49
CA LYS A 480 -16.94 -20.51 -15.40
C LYS A 480 -16.46 -19.07 -15.33
N SER A 481 -17.24 -18.24 -14.65
CA SER A 481 -16.95 -16.82 -14.54
C SER A 481 -15.86 -16.63 -13.49
N LEU A 482 -15.11 -15.54 -13.60
CA LEU A 482 -14.20 -15.08 -12.53
C LEU A 482 -14.93 -14.89 -11.19
N TYR A 483 -16.15 -14.35 -11.24
CA TYR A 483 -16.93 -14.22 -10.02
C TYR A 483 -17.10 -15.56 -9.33
N GLU A 484 -17.40 -16.59 -10.10
CA GLU A 484 -17.62 -17.91 -9.47
C GLU A 484 -16.34 -18.47 -8.84
N SER A 485 -15.22 -18.41 -9.53
CA SER A 485 -14.00 -18.98 -8.99
C SER A 485 -13.52 -18.14 -7.78
N TRP A 486 -13.57 -16.84 -7.93
CA TRP A 486 -13.25 -15.94 -6.83
C TRP A 486 -14.15 -16.15 -5.61
N THR A 487 -15.47 -16.27 -5.82
CA THR A 487 -16.37 -16.42 -4.71
C THR A 487 -16.13 -17.78 -4.03
N LYS A 488 -15.87 -18.83 -4.79
CA LYS A 488 -15.60 -20.15 -4.21
C LYS A 488 -14.30 -20.14 -3.41
N LYS A 489 -13.25 -19.54 -3.93
CA LYS A 489 -11.96 -19.57 -3.26
C LYS A 489 -11.77 -18.52 -2.16
N SER A 490 -12.47 -17.39 -2.24
CA SER A 490 -12.32 -16.35 -1.25
C SER A 490 -13.71 -15.84 -0.81
N PRO A 491 -14.44 -16.67 -0.04
CA PRO A 491 -15.81 -16.27 0.26
C PRO A 491 -15.85 -15.07 1.18
N SER A 492 -16.84 -14.24 1.01
CA SER A 492 -17.09 -13.18 1.97
C SER A 492 -17.36 -13.78 3.36
N PRO A 493 -16.80 -13.18 4.42
CA PRO A 493 -17.10 -13.63 5.78
C PRO A 493 -18.54 -13.33 6.24
N GLU A 494 -19.29 -12.47 5.55
CA GLU A 494 -20.66 -12.15 5.95
C GLU A 494 -21.75 -12.74 5.10
N PHE A 495 -21.57 -12.75 3.78
CA PHE A 495 -22.65 -13.13 2.87
C PHE A 495 -22.24 -14.34 2.05
N SER A 496 -23.03 -15.39 2.19
CA SER A 496 -22.86 -16.56 1.36
C SER A 496 -23.12 -16.11 -0.08
N GLY A 497 -22.41 -16.74 -1.01
CA GLY A 497 -22.58 -16.49 -2.44
C GLY A 497 -21.95 -15.20 -2.94
N MET A 498 -21.17 -14.52 -2.10
CA MET A 498 -20.39 -13.35 -2.54
C MET A 498 -18.92 -13.49 -2.14
N PRO A 499 -18.02 -12.83 -2.86
CA PRO A 499 -16.59 -12.85 -2.57
C PRO A 499 -16.16 -11.83 -1.54
N ARG A 500 -14.99 -12.05 -0.96
CA ARG A 500 -14.35 -11.07 -0.10
C ARG A 500 -13.85 -9.85 -0.89
N ILE A 501 -14.25 -8.66 -0.46
CA ILE A 501 -13.59 -7.43 -0.91
C ILE A 501 -13.10 -6.67 0.31
N SER A 502 -11.82 -6.35 0.33
CA SER A 502 -11.22 -5.73 1.50
C SER A 502 -11.24 -4.19 1.39
N LYS A 503 -11.00 -3.57 2.53
CA LYS A 503 -10.87 -2.11 2.65
C LYS A 503 -9.57 -1.70 2.02
N LEU A 504 -9.53 -0.48 1.51
CA LEU A 504 -8.30 0.14 1.13
C LEU A 504 -7.62 0.63 2.37
N GLY A 505 -6.33 0.36 2.48
CA GLY A 505 -5.50 0.93 3.56
C GLY A 505 -4.57 1.96 2.95
N SER A 506 -3.26 1.67 3.02
CA SER A 506 -2.26 2.51 2.33
CA SER A 506 -2.22 2.55 2.56
C SER A 506 -1.00 1.76 2.07
N GLY A 507 0.08 2.49 1.75
CA GLY A 507 1.28 1.90 1.33
C GLY A 507 1.32 1.70 -0.17
N ASN A 508 0.40 2.31 -0.91
CA ASN A 508 0.52 2.33 -2.37
C ASN A 508 -0.06 3.59 -2.95
N ASP A 509 0.07 3.79 -4.25
CA ASP A 509 -0.09 5.11 -4.84
C ASP A 509 -1.51 5.62 -4.91
N PHE A 510 -2.50 4.78 -4.56
CA PHE A 510 -3.87 5.26 -4.37
C PHE A 510 -3.99 6.15 -3.15
N GLU A 511 -3.01 6.11 -2.26
CA GLU A 511 -3.11 6.76 -0.96
C GLU A 511 -3.45 8.26 -1.02
N VAL A 512 -2.72 9.04 -1.81
CA VAL A 512 -3.06 10.50 -1.85
C VAL A 512 -4.49 10.75 -2.41
N PHE A 513 -4.86 9.96 -3.41
CA PHE A 513 -6.15 10.11 -4.05
C PHE A 513 -7.32 9.81 -3.13
N PHE A 514 -7.22 8.73 -2.40
CA PHE A 514 -8.32 8.23 -1.55
C PHE A 514 -8.30 8.89 -0.16
N GLN A 515 -7.17 8.76 0.56
CA GLN A 515 -7.11 9.22 1.94
CA GLN A 515 -7.04 9.19 1.95
C GLN A 515 -6.88 10.73 2.11
N ARG A 516 -6.21 11.39 1.17
CA ARG A 516 -6.10 12.85 1.22
C ARG A 516 -7.22 13.55 0.50
N LEU A 517 -7.40 13.20 -0.77
CA LEU A 517 -8.37 13.91 -1.61
C LEU A 517 -9.81 13.38 -1.64
N GLY A 518 -10.05 12.14 -1.24
CA GLY A 518 -11.41 11.57 -1.24
C GLY A 518 -11.96 11.26 -2.59
N ILE A 519 -11.10 10.70 -3.45
CA ILE A 519 -11.51 10.23 -4.76
C ILE A 519 -11.73 8.72 -4.68
N ALA A 520 -12.88 8.25 -5.16
CA ALA A 520 -13.22 6.83 -5.10
C ALA A 520 -12.12 5.98 -5.74
N SER A 521 -11.60 4.99 -5.01
CA SER A 521 -10.44 4.26 -5.48
C SER A 521 -10.60 2.78 -5.33
N GLY A 522 -9.83 2.02 -6.14
CA GLY A 522 -9.83 0.58 -6.07
C GLY A 522 -8.53 -0.04 -6.60
N ARG A 523 -8.36 -1.32 -6.30
CA ARG A 523 -7.21 -2.07 -6.79
C ARG A 523 -7.60 -3.54 -6.88
N ALA A 524 -6.91 -4.24 -7.79
CA ALA A 524 -7.15 -5.65 -8.00
C ALA A 524 -5.89 -6.35 -8.46
N ARG A 525 -5.68 -7.55 -7.93
CA ARG A 525 -4.57 -8.40 -8.34
C ARG A 525 -4.84 -9.85 -8.06
N TYR A 526 -4.02 -10.74 -8.65
CA TYR A 526 -4.07 -12.12 -8.28
C TYR A 526 -3.21 -12.36 -7.04
N THR A 527 -3.71 -13.22 -6.17
CA THR A 527 -3.04 -13.44 -4.90
C THR A 527 -2.92 -14.95 -4.56
N LYS A 528 -2.28 -15.22 -3.43
CA LYS A 528 -2.11 -16.60 -2.94
C LYS A 528 -3.31 -17.03 -2.07
N ASN A 529 -3.31 -18.28 -1.66
CA ASN A 529 -4.27 -18.83 -0.71
C ASN A 529 -3.72 -18.50 0.64
N TRP A 530 -4.40 -17.64 1.38
CA TRP A 530 -3.96 -17.23 2.70
C TRP A 530 -4.19 -18.32 3.78
N GLU A 531 -5.08 -19.30 3.53
CA GLU A 531 -5.28 -20.43 4.45
C GLU A 531 -4.09 -21.41 4.37
N THR A 532 -3.72 -21.84 3.16
CA THR A 532 -2.62 -22.78 2.92
C THR A 532 -1.22 -22.17 3.15
N ASN A 533 -1.14 -20.84 3.12
CA ASN A 533 0.14 -20.10 3.14
C ASN A 533 0.14 -19.04 4.25
N LYS A 534 0.64 -19.43 5.43
CA LYS A 534 0.77 -18.52 6.56
C LYS A 534 1.88 -17.44 6.35
N PHE A 535 2.87 -17.74 5.49
CA PHE A 535 3.95 -16.78 5.17
C PHE A 535 3.45 -15.40 4.66
N SER A 536 4.33 -14.40 4.70
CA SER A 536 3.96 -12.96 4.53
C SER A 536 4.26 -12.45 3.09
N GLY A 537 3.34 -11.68 2.51
CA GLY A 537 3.46 -11.17 1.12
C GLY A 537 3.91 -12.31 0.19
N TYR A 538 4.99 -12.09 -0.57
CA TYR A 538 5.61 -13.21 -1.33
C TYR A 538 7.09 -13.29 -0.99
N PRO A 539 7.64 -14.48 -0.96
CA PRO A 539 8.99 -14.58 -0.41
C PRO A 539 10.08 -13.67 -1.02
N LEU A 540 10.01 -13.39 -2.32
CA LEU A 540 11.12 -12.68 -3.01
C LEU A 540 10.94 -11.16 -3.11
N TYR A 541 9.90 -10.66 -2.46
CA TYR A 541 9.59 -9.26 -2.34
C TYR A 541 10.80 -8.36 -2.06
N HIS A 542 11.08 -7.45 -2.97
CA HIS A 542 12.14 -6.42 -2.82
C HIS A 542 13.56 -6.94 -2.79
N SER A 543 13.73 -8.16 -3.33
CA SER A 543 15.00 -8.82 -3.45
CA SER A 543 15.00 -8.83 -3.45
C SER A 543 15.46 -8.79 -4.92
N VAL A 544 16.77 -9.01 -5.13
CA VAL A 544 17.36 -9.10 -6.46
C VAL A 544 16.75 -10.25 -7.28
N TYR A 545 16.18 -11.27 -6.62
CA TYR A 545 15.63 -12.46 -7.27
C TYR A 545 14.24 -12.26 -7.88
N GLU A 546 13.68 -11.08 -7.67
CA GLU A 546 12.42 -10.68 -8.31
C GLU A 546 12.66 -10.30 -9.79
N THR A 547 12.63 -11.31 -10.65
CA THR A 547 13.00 -11.20 -12.04
C THR A 547 11.87 -11.61 -12.96
N TYR A 548 12.05 -11.33 -14.25
CA TYR A 548 11.22 -11.87 -15.30
C TYR A 548 11.11 -13.41 -15.16
N GLU A 549 12.22 -14.09 -14.95
CA GLU A 549 12.20 -15.53 -14.89
C GLU A 549 11.36 -16.04 -13.74
N LEU A 550 11.41 -15.35 -12.61
CA LEU A 550 10.55 -15.71 -11.49
C LEU A 550 9.12 -15.81 -11.92
N VAL A 551 8.64 -14.78 -12.63
CA VAL A 551 7.25 -14.71 -13.08
C VAL A 551 6.92 -15.76 -14.14
N GLU A 552 7.78 -15.80 -15.17
CA GLU A 552 7.59 -16.65 -16.31
C GLU A 552 7.65 -18.12 -15.95
N LYS A 553 8.54 -18.48 -15.03
CA LYS A 553 8.72 -19.88 -14.67
C LYS A 553 7.78 -20.35 -13.59
N PHE A 554 7.57 -19.51 -12.56
CA PHE A 554 6.93 -19.99 -11.34
C PHE A 554 5.57 -19.39 -11.05
N TYR A 555 5.21 -18.22 -11.56
CA TYR A 555 3.92 -17.58 -11.17
C TYR A 555 2.85 -17.71 -12.24
N ASP A 556 3.22 -17.40 -13.50
CA ASP A 556 2.22 -17.25 -14.58
C ASP A 556 2.81 -17.49 -15.98
N PRO A 557 3.24 -18.74 -16.24
CA PRO A 557 3.87 -19.04 -17.54
C PRO A 557 3.06 -18.65 -18.77
N MET A 558 1.74 -18.78 -18.69
CA MET A 558 0.85 -18.49 -19.85
C MET A 558 0.38 -17.04 -19.84
N PHE A 559 0.78 -16.28 -18.82
CA PHE A 559 0.36 -14.90 -18.63
C PHE A 559 -1.14 -14.73 -18.56
N LYS A 560 -1.81 -15.81 -18.18
CA LYS A 560 -3.27 -15.81 -18.04
C LYS A 560 -3.76 -15.07 -16.79
N TYR A 561 -2.99 -15.13 -15.69
CA TYR A 561 -3.42 -14.39 -14.50
C TYR A 561 -3.25 -12.89 -14.75
N HIS A 562 -2.14 -12.50 -15.37
CA HIS A 562 -1.92 -11.15 -15.86
C HIS A 562 -3.04 -10.64 -16.77
N LEU A 563 -3.44 -11.46 -17.76
CA LEU A 563 -4.54 -11.09 -18.63
C LEU A 563 -5.83 -10.86 -17.85
N THR A 564 -6.17 -11.77 -16.96
CA THR A 564 -7.36 -11.58 -16.11
C THR A 564 -7.30 -10.28 -15.32
N VAL A 565 -6.15 -9.97 -14.73
CA VAL A 565 -5.97 -8.73 -13.98
C VAL A 565 -6.10 -7.53 -14.92
N ALA A 566 -5.57 -7.61 -16.13
CA ALA A 566 -5.74 -6.53 -17.10
C ALA A 566 -7.21 -6.29 -17.44
N GLN A 567 -7.95 -7.39 -17.59
CA GLN A 567 -9.39 -7.32 -17.82
C GLN A 567 -10.16 -6.71 -16.65
N VAL A 568 -9.78 -7.03 -15.43
CA VAL A 568 -10.47 -6.46 -14.26
C VAL A 568 -10.12 -4.95 -14.17
N ARG A 569 -8.85 -4.62 -14.20
CA ARG A 569 -8.44 -3.21 -14.02
C ARG A 569 -8.97 -2.38 -15.19
N GLY A 570 -8.70 -2.88 -16.40
CA GLY A 570 -9.17 -2.28 -17.64
C GLY A 570 -10.69 -2.14 -17.74
N GLY A 571 -11.38 -3.21 -17.36
CA GLY A 571 -12.83 -3.21 -17.38
C GLY A 571 -13.42 -2.19 -16.42
N MET A 572 -12.82 -2.06 -15.25
CA MET A 572 -13.24 -1.07 -14.28
C MET A 572 -13.11 0.36 -14.81
N VAL A 573 -11.95 0.63 -15.38
CA VAL A 573 -11.67 1.89 -16.01
C VAL A 573 -12.65 2.16 -17.13
N PHE A 574 -12.87 1.17 -18.00
CA PHE A 574 -13.81 1.33 -19.07
C PHE A 574 -15.19 1.73 -18.55
N GLU A 575 -15.74 0.98 -17.62
CA GLU A 575 -17.08 1.31 -17.09
C GLU A 575 -17.12 2.70 -16.42
N LEU A 576 -16.08 3.02 -15.63
CA LEU A 576 -16.01 4.29 -14.91
C LEU A 576 -16.00 5.45 -15.91
N ALA A 577 -15.27 5.27 -17.02
CA ALA A 577 -15.11 6.29 -18.02
C ALA A 577 -16.22 6.35 -19.05
N ASN A 578 -17.05 5.28 -19.18
CA ASN A 578 -18.04 5.23 -20.25
CA ASN A 578 -18.01 5.22 -20.26
C ASN A 578 -19.48 5.08 -19.87
N SER A 579 -19.75 4.57 -18.68
CA SER A 579 -21.14 4.39 -18.28
C SER A 579 -21.81 5.77 -18.19
N ILE A 580 -23.02 5.84 -18.66
CA ILE A 580 -23.75 7.11 -18.68
C ILE A 580 -23.97 7.62 -17.27
N VAL A 581 -24.51 6.73 -16.42
CA VAL A 581 -24.60 7.00 -14.95
C VAL A 581 -23.34 6.38 -14.30
N LEU A 582 -22.63 7.14 -13.47
CA LEU A 582 -21.43 6.57 -12.78
C LEU A 582 -21.80 5.25 -12.10
N PRO A 583 -20.93 4.22 -12.22
CA PRO A 583 -21.26 2.91 -11.68
C PRO A 583 -20.89 2.74 -10.20
N PHE A 584 -21.45 3.63 -9.38
CA PHE A 584 -21.32 3.64 -7.94
C PHE A 584 -22.68 3.37 -7.31
N ASP A 585 -22.73 2.48 -6.30
CA ASP A 585 -23.97 2.23 -5.57
C ASP A 585 -23.79 2.77 -4.15
N CYS A 586 -24.37 3.95 -3.89
CA CYS A 586 -24.29 4.57 -2.55
C CYS A 586 -24.86 3.66 -1.46
N ARG A 587 -25.78 2.77 -1.80
CA ARG A 587 -26.36 1.88 -0.78
C ARG A 587 -25.32 0.91 -0.17
N ASP A 588 -24.29 0.59 -0.95
CA ASP A 588 -23.20 -0.25 -0.41
C ASP A 588 -22.41 0.47 0.69
N TYR A 589 -22.32 1.79 0.62
CA TYR A 589 -21.71 2.54 1.69
C TYR A 589 -22.52 2.46 2.96
N ALA A 590 -23.85 2.56 2.83
CA ALA A 590 -24.72 2.48 3.99
C ALA A 590 -24.55 1.19 4.74
N VAL A 591 -24.45 0.10 4.01
CA VAL A 591 -24.28 -1.22 4.62
C VAL A 591 -22.99 -1.28 5.45
N VAL A 592 -21.86 -0.88 4.87
CA VAL A 592 -20.62 -0.99 5.63
C VAL A 592 -20.53 0.00 6.77
N LEU A 593 -21.13 1.18 6.62
CA LEU A 593 -21.11 2.17 7.71
C LEU A 593 -21.78 1.59 8.96
N ARG A 594 -22.84 0.82 8.79
CA ARG A 594 -23.46 0.16 9.93
C ARG A 594 -22.57 -0.88 10.56
N LYS A 595 -21.94 -1.72 9.73
CA LYS A 595 -20.99 -2.67 10.23
C LYS A 595 -19.85 -1.97 11.00
N TYR A 596 -19.31 -0.88 10.48
CA TYR A 596 -18.19 -0.21 11.15
C TYR A 596 -18.63 0.47 12.45
N ALA A 597 -19.82 1.06 12.46
CA ALA A 597 -20.38 1.64 13.68
C ALA A 597 -20.61 0.57 14.75
N ASP A 598 -21.16 -0.58 14.36
CA ASP A 598 -21.32 -1.71 15.29
C ASP A 598 -19.95 -2.15 15.87
N LYS A 599 -18.94 -2.21 15.03
CA LYS A 599 -17.63 -2.63 15.47
C LYS A 599 -17.00 -1.64 16.46
N ILE A 600 -17.06 -0.34 16.15
CA ILE A 600 -16.46 0.63 17.02
C ILE A 600 -17.19 0.71 18.37
N TYR A 601 -18.51 0.63 18.29
CA TYR A 601 -19.30 0.53 19.51
C TYR A 601 -18.88 -0.66 20.41
N SER A 602 -18.66 -1.82 19.78
CA SER A 602 -18.20 -3.04 20.49
C SER A 602 -16.90 -2.87 21.21
N ILE A 603 -15.97 -2.15 20.57
CA ILE A 603 -14.71 -1.81 21.20
C ILE A 603 -14.92 -0.96 22.44
N SER A 604 -15.75 0.09 22.33
CA SER A 604 -16.03 0.97 23.44
C SER A 604 -16.69 0.23 24.59
N MET A 605 -17.57 -0.69 24.24
CA MET A 605 -18.34 -1.46 25.25
C MET A 605 -17.53 -2.47 26.06
N LYS A 606 -16.24 -2.61 25.77
CA LYS A 606 -15.31 -3.22 26.72
C LYS A 606 -15.11 -2.40 28.02
N HIS A 607 -15.52 -1.11 28.03
CA HIS A 607 -15.34 -0.22 29.18
C HIS A 607 -16.71 0.34 29.68
N PRO A 608 -17.63 -0.56 30.08
CA PRO A 608 -19.00 -0.11 30.41
C PRO A 608 -19.04 0.91 31.54
N GLN A 609 -18.19 0.75 32.55
CA GLN A 609 -18.22 1.67 33.67
C GLN A 609 -17.81 3.09 33.25
N GLU A 610 -16.82 3.18 32.39
CA GLU A 610 -16.38 4.45 31.89
C GLU A 610 -17.43 5.13 30.95
N MET A 611 -18.12 4.31 30.17
CA MET A 611 -19.16 4.85 29.31
C MET A 611 -20.32 5.46 30.17
N LYS A 612 -20.57 4.83 31.31
CA LYS A 612 -21.58 5.35 32.29
C LYS A 612 -21.12 6.66 32.95
N THR A 613 -19.90 6.61 33.45
CA THR A 613 -19.31 7.74 34.17
C THR A 613 -19.13 8.99 33.30
N TYR A 614 -18.71 8.82 32.05
CA TYR A 614 -18.49 9.96 31.16
C TYR A 614 -19.61 10.20 30.14
N SER A 615 -20.74 9.50 30.28
CA SER A 615 -21.91 9.60 29.39
C SER A 615 -21.52 9.47 27.95
N VAL A 616 -20.81 8.41 27.63
CA VAL A 616 -20.31 8.17 26.27
C VAL A 616 -21.40 7.45 25.49
N SER A 617 -22.02 8.16 24.53
CA SER A 617 -23.08 7.59 23.70
C SER A 617 -22.71 7.53 22.24
N PHE A 618 -23.00 6.38 21.63
CA PHE A 618 -22.90 6.25 20.18
C PHE A 618 -24.24 6.57 19.43
N ASP A 619 -25.24 7.09 20.14
CA ASP A 619 -26.55 7.35 19.52
C ASP A 619 -26.46 8.23 18.27
N SER A 620 -25.65 9.29 18.33
CA SER A 620 -25.56 10.19 17.18
C SER A 620 -24.96 9.50 15.95
N LEU A 621 -23.98 8.64 16.16
CA LEU A 621 -23.39 7.93 15.04
C LEU A 621 -24.36 6.93 14.43
N PHE A 622 -25.10 6.20 15.26
CA PHE A 622 -26.09 5.29 14.74
C PHE A 622 -27.19 6.05 14.04
N SER A 623 -27.58 7.21 14.59
CA SER A 623 -28.63 8.04 13.92
C SER A 623 -28.15 8.52 12.54
N ALA A 624 -26.91 9.01 12.46
CA ALA A 624 -26.33 9.43 11.18
C ALA A 624 -26.32 8.26 10.15
N VAL A 625 -25.95 7.08 10.61
CA VAL A 625 -25.88 5.90 9.72
C VAL A 625 -27.28 5.52 9.23
N LYS A 626 -28.25 5.52 10.13
CA LYS A 626 -29.63 5.34 9.77
C LYS A 626 -30.08 6.33 8.72
N ASN A 627 -29.76 7.61 8.92
CA ASN A 627 -30.17 8.62 7.97
C ASN A 627 -29.49 8.41 6.61
N PHE A 628 -28.19 8.12 6.63
CA PHE A 628 -27.47 7.81 5.40
C PHE A 628 -28.20 6.68 4.63
N THR A 629 -28.59 5.61 5.34
CA THR A 629 -29.24 4.46 4.72
C THR A 629 -30.54 4.87 4.02
N GLU A 630 -31.34 5.68 4.73
CA GLU A 630 -32.64 6.12 4.22
C GLU A 630 -32.46 7.05 3.06
N ILE A 631 -31.57 8.02 3.19
CA ILE A 631 -31.38 9.00 2.15
C ILE A 631 -30.74 8.33 0.91
N ALA A 632 -29.78 7.42 1.11
CA ALA A 632 -29.21 6.67 -0.01
C ALA A 632 -30.25 5.84 -0.76
N SER A 633 -31.15 5.21 -0.02
CA SER A 633 -32.23 4.47 -0.63
C SER A 633 -33.11 5.35 -1.51
N LYS A 634 -33.50 6.52 -1.01
CA LYS A 634 -34.26 7.46 -1.83
C LYS A 634 -33.48 7.94 -3.04
N PHE A 635 -32.19 8.19 -2.87
CA PHE A 635 -31.38 8.65 -3.98
C PHE A 635 -31.35 7.59 -5.09
N SER A 636 -31.16 6.34 -4.69
CA SER A 636 -31.15 5.21 -5.63
CA SER A 636 -31.13 5.22 -5.63
C SER A 636 -32.42 5.14 -6.47
N GLU A 637 -33.56 5.40 -5.83
CA GLU A 637 -34.86 5.40 -6.54
C GLU A 637 -34.87 6.51 -7.59
N ARG A 638 -34.40 7.71 -7.18
CA ARG A 638 -34.39 8.84 -8.09
C ARG A 638 -33.48 8.56 -9.25
N LEU A 639 -32.35 7.92 -9.00
CA LEU A 639 -31.39 7.63 -10.00
C LEU A 639 -31.92 6.62 -11.02
N GLN A 640 -32.81 5.73 -10.58
CA GLN A 640 -33.45 4.79 -11.45
C GLN A 640 -34.61 5.45 -12.20
N ASP A 641 -35.41 6.24 -11.50
CA ASP A 641 -36.64 6.83 -12.01
C ASP A 641 -36.49 8.20 -12.65
N PHE A 642 -35.29 8.77 -12.71
CA PHE A 642 -35.17 10.16 -13.19
C PHE A 642 -35.27 10.18 -14.67
N ASP A 643 -35.64 11.35 -15.12
CA ASP A 643 -35.87 11.58 -16.55
C ASP A 643 -34.53 11.41 -17.28
N LYS A 644 -34.36 10.28 -17.93
CA LYS A 644 -33.05 9.90 -18.55
C LYS A 644 -32.69 10.76 -19.79
N SER A 645 -33.77 11.32 -20.44
CA SER A 645 -33.60 12.40 -21.43
C SER A 645 -32.67 13.70 -20.92
N ASN A 646 -32.77 14.14 -19.67
CA ASN A 646 -32.15 15.46 -19.33
C ASN A 646 -30.65 15.43 -18.82
N PRO A 647 -29.74 16.09 -19.58
CA PRO A 647 -28.35 16.01 -19.33
C PRO A 647 -27.88 16.77 -18.10
N ILE A 648 -28.53 17.89 -17.77
CA ILE A 648 -28.23 18.58 -16.54
C ILE A 648 -28.69 17.78 -15.38
N VAL A 649 -29.83 17.13 -15.46
CA VAL A 649 -30.28 16.29 -14.37
C VAL A 649 -29.25 15.14 -14.26
N LEU A 650 -28.78 14.65 -15.42
CA LEU A 650 -27.86 13.51 -15.40
C LEU A 650 -26.55 13.95 -14.73
N ARG A 651 -26.02 15.09 -15.16
CA ARG A 651 -24.80 15.65 -14.62
C ARG A 651 -24.92 15.96 -13.13
N MET A 652 -26.10 16.45 -12.67
CA MET A 652 -26.36 16.72 -11.21
CA MET A 652 -26.25 16.78 -11.27
C MET A 652 -26.19 15.47 -10.44
N MET A 653 -26.83 14.39 -10.92
CA MET A 653 -26.84 13.14 -10.15
C MET A 653 -25.44 12.43 -10.23
N ASN A 654 -24.78 12.50 -11.38
CA ASN A 654 -23.38 12.02 -11.48
C ASN A 654 -22.45 12.81 -10.53
N ASP A 655 -22.66 14.12 -10.40
CA ASP A 655 -21.89 14.94 -9.46
C ASP A 655 -22.16 14.52 -8.04
N GLN A 656 -23.42 14.21 -7.70
CA GLN A 656 -23.71 13.68 -6.37
C GLN A 656 -22.98 12.36 -6.15
N LEU A 657 -22.99 11.50 -7.14
CA LEU A 657 -22.22 10.25 -7.02
C LEU A 657 -20.69 10.48 -6.91
N MET A 658 -20.16 11.37 -7.73
CA MET A 658 -18.72 11.69 -7.71
C MET A 658 -18.26 12.30 -6.38
N PHE A 659 -19.05 13.25 -5.87
CA PHE A 659 -18.71 13.96 -4.63
C PHE A 659 -19.10 13.22 -3.34
N LEU A 660 -19.68 12.03 -3.46
CA LEU A 660 -20.02 11.24 -2.28
C LEU A 660 -18.78 10.75 -1.52
N GLU A 661 -17.82 10.20 -2.22
CA GLU A 661 -16.54 9.82 -1.56
C GLU A 661 -15.89 11.07 -0.96
N ARG A 662 -16.02 12.17 -1.69
CA ARG A 662 -15.42 13.42 -1.32
C ARG A 662 -15.96 13.95 0.03
N ALA A 663 -17.22 13.66 0.29
CA ALA A 663 -17.90 14.11 1.48
C ALA A 663 -17.34 13.52 2.73
N PHE A 664 -16.63 12.38 2.65
CA PHE A 664 -16.03 11.79 3.85
C PHE A 664 -14.71 12.41 4.29
N ILE A 665 -14.19 13.34 3.50
CA ILE A 665 -13.02 14.14 3.84
C ILE A 665 -13.33 15.20 4.89
N ASP A 666 -12.51 15.22 5.93
CA ASP A 666 -12.47 16.30 6.92
C ASP A 666 -11.33 17.20 6.59
N PRO A 667 -11.58 18.50 6.31
CA PRO A 667 -10.48 19.38 5.93
C PRO A 667 -9.52 19.63 7.08
N LEU A 668 -9.90 19.30 8.30
CA LEU A 668 -8.96 19.40 9.42
C LEU A 668 -8.09 18.15 9.63
N GLY A 669 -8.33 17.12 8.82
CA GLY A 669 -7.57 15.88 8.92
C GLY A 669 -7.82 15.12 10.21
N LEU A 670 -6.97 14.14 10.49
CA LEU A 670 -7.00 13.39 11.73
C LEU A 670 -5.98 13.95 12.68
N PRO A 671 -6.16 13.72 14.00
CA PRO A 671 -5.25 14.31 14.94
C PRO A 671 -3.76 14.02 14.65
N ASP A 672 -2.98 15.10 14.56
CA ASP A 672 -1.57 15.08 14.20
C ASP A 672 -1.27 14.45 12.85
N ARG A 673 -2.26 14.22 12.01
CA ARG A 673 -2.02 13.61 10.66
C ARG A 673 -2.81 14.39 9.67
N PRO A 674 -2.33 15.58 9.30
CA PRO A 674 -3.19 16.41 8.43
C PRO A 674 -3.44 15.89 7.05
N PHE A 675 -2.63 14.94 6.56
CA PHE A 675 -2.80 14.41 5.20
C PHE A 675 -3.65 13.16 5.16
N TYR A 676 -4.09 12.68 6.31
CA TYR A 676 -5.07 11.63 6.35
C TYR A 676 -6.39 12.26 6.74
N ARG A 677 -7.27 12.41 5.76
CA ARG A 677 -8.46 13.23 5.90
C ARG A 677 -9.78 12.46 5.78
N HIS A 678 -9.72 11.19 5.36
CA HIS A 678 -10.90 10.39 5.16
C HIS A 678 -11.36 9.91 6.54
N VAL A 679 -12.55 10.28 6.91
CA VAL A 679 -13.07 9.99 8.26
C VAL A 679 -13.40 8.50 8.45
N ILE A 680 -13.73 7.81 7.36
CA ILE A 680 -14.09 6.41 7.46
C ILE A 680 -12.89 5.48 7.43
N TYR A 681 -11.97 5.76 6.51
N TYR A 681 -11.90 5.76 6.56
CA TYR A 681 -10.82 4.93 6.27
CA TYR A 681 -10.93 4.73 6.14
C TYR A 681 -9.53 5.74 6.51
C TYR A 681 -9.44 5.06 6.38
N ALA A 682 -8.60 5.17 7.26
N ALA A 682 -9.13 6.21 6.96
CA ALA A 682 -7.25 5.67 7.31
CA ALA A 682 -7.73 6.56 7.11
C ALA A 682 -6.35 4.48 7.66
C ALA A 682 -7.09 5.59 8.09
N PRO A 683 -5.15 4.75 7.00
N PRO A 683 -5.84 5.43 7.92
CA PRO A 683 -4.22 3.67 7.34
CA PRO A 683 -5.20 4.43 8.77
C PRO A 683 -4.10 3.52 8.82
C PRO A 683 -5.15 4.86 10.22
N SER A 684 -3.95 2.26 9.26
N SER A 684 -5.29 3.91 11.14
CA SER A 684 -3.82 1.97 10.66
CA SER A 684 -5.14 4.23 12.56
C SER A 684 -2.54 2.60 11.22
C SER A 684 -3.68 4.62 12.78
N SER A 685 -2.66 3.26 12.37
N SER A 685 -3.44 5.59 13.66
CA SER A 685 -1.51 3.85 13.05
CA SER A 685 -2.08 5.89 14.09
C SER A 685 -0.48 2.81 13.53
C SER A 685 -1.47 4.76 14.95
N HIS A 686 -0.84 1.54 13.48
N HIS A 686 -2.26 3.83 15.51
CA HIS A 686 0.10 0.48 13.85
CA HIS A 686 -1.68 2.80 16.41
C HIS A 686 0.56 -0.32 12.65
C HIS A 686 -1.60 1.35 15.88
N ASN A 687 0.02 -0.03 11.49
N ASN A 687 -2.38 1.01 14.87
CA ASN A 687 0.40 -0.80 10.30
CA ASN A 687 -2.26 -0.31 14.23
C ASN A 687 -0.16 -0.12 9.09
C ASN A 687 -2.50 -0.12 12.75
N LYS A 688 0.66 0.73 8.48
N LYS A 688 -1.48 0.33 12.05
CA LYS A 688 0.30 1.54 7.35
CA LYS A 688 -1.67 0.84 10.73
C LYS A 688 -0.35 0.74 6.23
C LYS A 688 -1.97 -0.22 9.66
N TYR A 689 0.01 -0.52 6.13
N TYR A 689 -1.63 -1.50 9.91
CA TYR A 689 -0.54 -1.38 5.10
CA TYR A 689 -2.11 -2.57 9.03
C TYR A 689 -2.08 -1.61 5.22
C TYR A 689 -3.53 -2.88 9.42
N ALA A 690 -2.56 -1.77 6.46
N ALA A 690 -3.77 -3.20 10.68
CA ALA A 690 -3.94 -2.15 6.71
CA ALA A 690 -5.07 -3.70 11.04
C ALA A 690 -4.88 -0.97 6.80
C ALA A 690 -5.76 -2.94 12.15
N GLY A 691 -6.12 -1.17 6.36
N GLY A 691 -6.01 -1.65 11.92
CA GLY A 691 -7.14 -0.17 6.57
CA GLY A 691 -6.90 -0.89 12.76
C GLY A 691 -7.70 -0.23 7.99
C GLY A 691 -8.31 -0.92 12.19
N GLU A 692 -8.00 0.93 8.55
N GLU A 692 -9.26 -0.39 12.93
CA GLU A 692 -8.79 1.01 9.80
CA GLU A 692 -10.62 -0.44 12.45
C GLU A 692 -10.06 1.79 9.53
C GLU A 692 -10.97 0.84 11.71
N SER A 693 -11.18 1.35 10.11
N SER A 693 -12.05 0.78 10.95
CA SER A 693 -12.41 2.13 9.99
CA SER A 693 -12.57 1.96 10.31
C SER A 693 -12.74 2.99 11.21
C SER A 693 -13.11 2.89 11.38
N PHE A 694 -13.43 4.12 10.99
N PHE A 694 -13.42 4.12 11.02
CA PHE A 694 -13.54 5.21 12.00
C PHE A 694 -12.26 5.34 12.81
N PRO A 695 -11.13 5.61 12.14
CA PRO A 695 -9.83 5.67 12.80
C PRO A 695 -9.75 6.71 13.90
N GLY A 696 -10.49 7.82 13.77
CA GLY A 696 -10.45 8.83 14.83
C GLY A 696 -10.92 8.29 16.18
N ILE A 697 -12.06 7.59 16.14
CA ILE A 697 -12.62 7.00 17.36
C ILE A 697 -11.74 5.78 17.81
N TYR A 698 -11.32 4.96 16.85
CA TYR A 698 -10.47 3.78 17.15
C TYR A 698 -9.20 4.20 17.92
N ASP A 699 -8.47 5.19 17.38
CA ASP A 699 -7.26 5.70 18.05
C ASP A 699 -7.55 6.34 19.38
N ALA A 700 -8.67 7.06 19.52
CA ALA A 700 -9.04 7.56 20.85
C ALA A 700 -9.31 6.47 21.90
N LEU A 701 -9.83 5.33 21.47
CA LEU A 701 -10.09 4.18 22.36
C LEU A 701 -8.87 3.28 22.63
N PHE A 702 -7.87 3.36 21.76
CA PHE A 702 -6.76 2.40 21.80
C PHE A 702 -5.99 2.52 23.06
N ASP A 703 -5.88 1.40 23.78
CA ASP A 703 -5.12 1.36 25.03
C ASP A 703 -5.64 2.45 26.01
N ILE A 704 -6.93 2.80 25.95
CA ILE A 704 -7.46 3.91 26.76
C ILE A 704 -7.31 3.65 28.27
N GLU A 705 -7.38 2.39 28.67
CA GLU A 705 -7.24 2.00 30.08
C GLU A 705 -5.88 2.36 30.69
N SER A 706 -4.88 2.66 29.86
CA SER A 706 -3.56 3.10 30.32
C SER A 706 -3.43 4.61 30.45
N LYS A 707 -4.38 5.39 29.96
CA LYS A 707 -4.23 6.84 29.99
C LYS A 707 -4.37 7.33 31.43
N VAL A 708 -3.55 8.32 31.79
CA VAL A 708 -3.47 8.78 33.19
C VAL A 708 -4.68 9.63 33.59
N ASP A 709 -5.22 10.38 32.64
CA ASP A 709 -6.41 11.22 32.84
C ASP A 709 -7.62 10.66 32.08
N PRO A 710 -8.38 9.73 32.70
CA PRO A 710 -9.48 9.08 31.94
C PRO A 710 -10.58 10.07 31.47
N SER A 711 -10.80 11.13 32.23
CA SER A 711 -11.82 12.12 31.86
C SER A 711 -11.46 12.81 30.56
N LYS A 712 -10.21 13.20 30.42
CA LYS A 712 -9.71 13.75 29.18
C LYS A 712 -9.73 12.73 28.02
N ALA A 713 -9.32 11.49 28.30
CA ALA A 713 -9.26 10.47 27.24
C ALA A 713 -10.68 10.13 26.70
N TRP A 714 -11.63 9.95 27.62
CA TRP A 714 -13.03 9.70 27.21
C TRP A 714 -13.72 10.91 26.59
N GLY A 715 -13.32 12.09 26.99
CA GLY A 715 -13.70 13.36 26.31
C GLY A 715 -13.32 13.33 24.88
N GLU A 716 -12.11 12.88 24.60
CA GLU A 716 -11.65 12.84 23.22
C GLU A 716 -12.38 11.74 22.42
N VAL A 717 -12.70 10.62 23.06
CA VAL A 717 -13.56 9.61 22.43
C VAL A 717 -14.90 10.27 22.00
N LYS A 718 -15.51 10.99 22.93
CA LYS A 718 -16.78 11.66 22.64
C LYS A 718 -16.61 12.70 21.48
N ARG A 719 -15.47 13.43 21.47
CA ARG A 719 -15.21 14.36 20.40
C ARG A 719 -15.16 13.65 19.05
N GLN A 720 -14.45 12.50 19.00
CA GLN A 720 -14.36 11.74 17.76
C GLN A 720 -15.71 11.15 17.33
N ILE A 721 -16.53 10.74 18.29
CA ILE A 721 -17.88 10.27 17.96
C ILE A 721 -18.68 11.39 17.25
N TYR A 722 -18.66 12.59 17.83
CA TYR A 722 -19.27 13.81 17.24
C TYR A 722 -18.77 14.06 15.82
N VAL A 723 -17.46 14.05 15.66
CA VAL A 723 -16.89 14.27 14.32
C VAL A 723 -17.35 13.23 13.32
N ALA A 724 -17.34 11.96 13.70
CA ALA A 724 -17.77 10.90 12.81
C ALA A 724 -19.26 10.97 12.47
N ALA A 725 -20.10 11.19 13.48
CA ALA A 725 -21.53 11.34 13.26
C ALA A 725 -21.84 12.47 12.32
N PHE A 726 -21.23 13.62 12.58
CA PHE A 726 -21.44 14.77 11.77
C PHE A 726 -21.05 14.48 10.32
N THR A 727 -19.90 13.86 10.15
CA THR A 727 -19.41 13.57 8.80
C THR A 727 -20.31 12.65 7.99
N VAL A 728 -20.80 11.59 8.63
CA VAL A 728 -21.73 10.65 8.02
C VAL A 728 -23.00 11.37 7.64
N GLN A 729 -23.55 12.18 8.56
CA GLN A 729 -24.77 12.93 8.24
C GLN A 729 -24.54 13.91 7.11
N ALA A 730 -23.38 14.57 7.13
CA ALA A 730 -23.06 15.54 6.09
C ALA A 730 -22.93 14.85 4.74
N ALA A 731 -22.32 13.69 4.72
CA ALA A 731 -22.22 12.89 3.48
C ALA A 731 -23.58 12.45 2.96
N ALA A 732 -24.42 11.95 3.88
CA ALA A 732 -25.79 11.64 3.55
C ALA A 732 -26.50 12.79 2.88
N GLU A 733 -26.35 14.00 3.42
CA GLU A 733 -27.10 15.16 2.94
C GLU A 733 -26.66 15.60 1.55
N THR A 734 -25.47 15.17 1.10
CA THR A 734 -25.07 15.42 -0.29
C THR A 734 -25.91 14.67 -1.31
N LEU A 735 -26.59 13.60 -0.87
CA LEU A 735 -27.47 12.79 -1.68
C LEU A 735 -28.92 13.18 -1.54
N SER A 736 -29.29 14.09 -0.63
CA SER A 736 -30.65 14.62 -0.58
C SER A 736 -30.95 15.40 -1.86
N GLU A 737 -32.21 15.64 -2.16
CA GLU A 737 -32.54 16.57 -3.24
C GLU A 737 -31.84 17.91 -3.04
N VAL A 738 -31.34 18.47 -4.13
CA VAL A 738 -30.37 19.57 -4.00
C VAL A 738 -31.04 20.90 -3.62
N ALA A 739 -32.33 21.02 -3.83
CA ALA A 739 -33.06 22.25 -3.54
C ALA A 739 -34.55 21.91 -3.59
#